data_4XPT
#
_entry.id   4XPT
#
_cell.length_a   96.614
_cell.length_b   139.148
_cell.length_c   166.679
_cell.angle_alpha   90.00
_cell.angle_beta   90.00
_cell.angle_gamma   90.00
#
_symmetry.space_group_name_H-M   'P 21 21 21'
#
loop_
_entity.id
_entity.type
_entity.pdbx_description
1 polymer 'Dopamine transporter'
2 polymer 'antibody fragment light chain'
3 polymer 'antibody fragment heavy chain'
4 branched alpha-D-glucopyranose-(1-4)-beta-D-glucopyranose
5 non-polymer 'CHOLESTEROL HEMISUCCINATE'
6 non-polymer 2-(3,4-dichlorophenyl)ethanamine
7 non-polymer 2-acetamido-2-deoxy-beta-D-glucopyranose
8 non-polymer CHOLESTEROL
9 non-polymer 'CHLORIDE ION'
10 non-polymer 'SODIUM ION'
#
loop_
_entity_poly.entity_id
_entity_poly.type
_entity_poly.pdbx_seq_one_letter_code
_entity_poly.pdbx_strand_id
1 'polypeptide(L)'
;DERETWSGKVDFLLSVIGFAVDLANVWRFPYLCYKNGGGAFLVPYGIMLAVGGIPLFYMELALGQHNRKGAITCWGRLVP
LFKGIGYAVVLIAFYVGFYYNVIIAWSLRFFFASFTNSLPWTSCNNIWNTPNCRPFEVGHVEGFQSAASEYFNRYILELN
RSEGIHDLGAIKWDMALCLLIVYLICYFSLWKGISTSGKVVWFTALFPYAVLLILLIRGLTLPGSFLGIQYYLTPNFSAI
YKAEVWVDAATQVFFSLGPGFGVLLAYASYNKYHNNVYKDALLTSFINSATSFIAGFVIFSVLGYMAHTLGVRIEDVATE
GPGLVFVVYPAAIATMPASTFWALIFFMMLATLGLDSSFGGMEAIITALSDEFPKIKRNRELFVAGLFSLYFVVGLASCT
QGGFYFFHLLDRYAAGYSILVAVFFEAIAVSWIYGTNRFSEDIRDMIGFPPGRYWQVCWRFVAPIFLLFITVYGLIGYEP
LTYADYVYPSWANALGWCIAGSSVVMIPAVAIFKLLSTPGSLRQRFTILTTPWRD
;
A
2 'polypeptide(L)'
;ENVLTQSPAIMSTSPGEKVTMTCRASSSVGSSYLHWYQQKSGASPKLWIYSTSNLASGVPARFSGSGSGTSYSLTISSVE
AEDAATYYCQQFSGYPLTFGSGTKLEMKRADAAPTVSIFPPSSEQLTSGGASVVCFLNNFYPKDINVKWKIDGSERQNGV
LNSWTDQDSKDSTYSMSSTLTLTKDEYERHNSYTCEATHKTSTSPIVKSFNRNE
;
L
3 'polypeptide(L)'
;EVQLVESGGGLVKPGGSLKLSCAASGFTFSSYAMSWVRQSPEKRLEWVAEISSGGRYIYYSDTVTGRFTISRDNARNILH
LEMSSLRSEDTAMYYCARGEVRQRGFDYWGQGTTLTVSSAKTTAPSVYPLAPVCGDTTGSSVTLGCLVKGYFPEPVTLTW
NSGSLSSGVHTFPAVLQSDLYTLSSSVTVTSSTWPSQSITCNVAHPASSTKVDKKIEPR
;
H
#
# COMPACT_ATOMS: atom_id res chain seq x y z
N ASP A 1 -7.80 -49.68 8.09
CA ASP A 1 -8.13 -50.11 6.74
C ASP A 1 -9.42 -49.45 6.25
N GLU A 2 -10.35 -49.22 7.18
CA GLU A 2 -11.60 -48.55 6.83
C GLU A 2 -11.46 -47.05 7.09
N ARG A 3 -11.48 -46.28 6.01
CA ARG A 3 -11.33 -44.82 6.09
C ARG A 3 -12.36 -44.14 5.21
N GLU A 4 -13.00 -43.11 5.75
CA GLU A 4 -14.05 -42.40 5.02
C GLU A 4 -13.55 -41.81 3.71
N THR A 5 -14.43 -41.79 2.72
CA THR A 5 -14.12 -41.22 1.42
C THR A 5 -15.14 -40.14 1.07
N TRP A 6 -14.80 -39.31 0.09
CA TRP A 6 -15.70 -38.26 -0.37
C TRP A 6 -17.05 -38.85 -0.76
N SER A 7 -18.13 -38.24 -0.26
CA SER A 7 -19.48 -38.71 -0.55
C SER A 7 -19.78 -38.65 -2.04
N GLY A 8 -18.98 -37.88 -2.76
CA GLY A 8 -19.10 -37.76 -4.20
C GLY A 8 -17.78 -37.42 -4.85
N LYS A 9 -17.67 -37.69 -6.14
CA LYS A 9 -16.44 -37.42 -6.88
C LYS A 9 -16.18 -35.92 -7.00
N VAL A 10 -17.25 -35.14 -7.09
CA VAL A 10 -17.15 -33.70 -7.25
C VAL A 10 -16.71 -33.02 -5.96
N ASP A 11 -16.96 -33.68 -4.83
CA ASP A 11 -16.55 -33.16 -3.53
C ASP A 11 -15.04 -32.98 -3.47
N PHE A 12 -14.32 -33.98 -3.96
CA PHE A 12 -12.86 -33.92 -3.98
C PHE A 12 -12.35 -32.89 -4.99
N LEU A 13 -12.95 -32.86 -6.17
CA LEU A 13 -12.54 -31.94 -7.21
C LEU A 13 -12.71 -30.48 -6.78
N LEU A 14 -13.90 -30.15 -6.29
CA LEU A 14 -14.18 -28.78 -5.87
C LEU A 14 -13.39 -28.41 -4.62
N SER A 15 -13.01 -29.41 -3.83
CA SER A 15 -12.19 -29.19 -2.64
C SER A 15 -10.77 -28.83 -3.05
N VAL A 16 -10.26 -29.51 -4.07
CA VAL A 16 -8.92 -29.22 -4.57
C VAL A 16 -8.92 -27.96 -5.44
N ILE A 17 -9.95 -27.83 -6.27
CA ILE A 17 -10.13 -26.63 -7.10
C ILE A 17 -10.30 -25.41 -6.21
N GLY A 18 -11.08 -25.56 -5.15
CA GLY A 18 -11.33 -24.48 -4.20
C GLY A 18 -10.08 -24.08 -3.46
N PHE A 19 -9.29 -25.07 -3.03
CA PHE A 19 -8.04 -24.79 -2.32
C PHE A 19 -7.00 -24.18 -3.25
N ALA A 20 -6.96 -24.66 -4.49
CA ALA A 20 -5.96 -24.20 -5.45
C ALA A 20 -6.22 -22.77 -5.91
N VAL A 21 -7.49 -22.43 -6.10
CA VAL A 21 -7.85 -21.11 -6.60
C VAL A 21 -8.10 -20.15 -5.45
N ASP A 22 -7.23 -19.16 -5.32
CA ASP A 22 -7.27 -18.24 -4.18
C ASP A 22 -7.06 -16.80 -4.63
N LEU A 23 -6.95 -15.92 -3.65
CA LEU A 23 -6.72 -14.49 -3.92
C LEU A 23 -5.46 -14.27 -4.75
N ALA A 24 -4.50 -15.18 -4.63
CA ALA A 24 -3.25 -15.09 -5.38
C ALA A 24 -3.50 -15.06 -6.88
N ASN A 25 -4.57 -15.71 -7.31
CA ASN A 25 -4.96 -15.71 -8.72
C ASN A 25 -5.33 -14.31 -9.18
N VAL A 26 -6.12 -13.61 -8.38
CA VAL A 26 -6.49 -12.23 -8.67
C VAL A 26 -5.38 -11.24 -8.35
N TRP A 27 -4.76 -11.41 -7.18
CA TRP A 27 -3.71 -10.52 -6.70
C TRP A 27 -2.52 -10.39 -7.65
N ARG A 28 -1.76 -11.47 -7.78
CA ARG A 28 -0.44 -11.43 -8.42
C ARG A 28 -0.45 -11.68 -9.92
N PHE A 29 -0.88 -12.86 -10.33
CA PHE A 29 -0.74 -13.32 -11.72
C PHE A 29 -1.06 -12.26 -12.77
N PRO A 30 -2.20 -11.56 -12.62
CA PRO A 30 -2.49 -10.45 -13.53
C PRO A 30 -1.40 -9.38 -13.46
N TYR A 31 -0.98 -9.05 -12.25
CA TYR A 31 0.07 -8.06 -12.04
C TYR A 31 1.41 -8.55 -12.59
N LEU A 32 1.71 -9.82 -12.38
CA LEU A 32 2.95 -10.41 -12.86
C LEU A 32 3.06 -10.30 -14.38
N CYS A 33 1.94 -10.53 -15.05
CA CYS A 33 1.90 -10.44 -16.51
C CYS A 33 2.16 -9.02 -16.99
N TYR A 34 1.67 -8.04 -16.22
CA TYR A 34 1.85 -6.63 -16.55
C TYR A 34 3.32 -6.23 -16.47
N LYS A 35 3.93 -6.50 -15.32
CA LYS A 35 5.34 -6.17 -15.08
C LYS A 35 6.27 -6.96 -15.99
N ASN A 36 5.90 -8.21 -16.27
CA ASN A 36 6.75 -9.14 -17.00
C ASN A 36 6.50 -9.09 -18.51
N GLY A 37 5.68 -8.14 -18.95
CA GLY A 37 5.40 -7.95 -20.36
C GLY A 37 4.41 -8.91 -20.99
N GLY A 38 3.28 -9.09 -20.34
CA GLY A 38 2.12 -9.71 -20.95
C GLY A 38 2.21 -11.19 -21.26
N GLY A 39 1.66 -11.57 -22.41
CA GLY A 39 1.59 -12.97 -22.79
C GLY A 39 2.95 -13.60 -22.98
N ALA A 40 3.98 -12.76 -22.98
CA ALA A 40 5.36 -13.26 -23.02
C ALA A 40 5.73 -13.89 -21.68
N PHE A 41 5.10 -13.41 -20.61
CA PHE A 41 5.32 -13.97 -19.28
C PHE A 41 4.69 -15.35 -19.17
N LEU A 42 3.73 -15.63 -20.04
CA LEU A 42 3.09 -16.94 -20.08
C LEU A 42 4.13 -18.02 -20.36
N VAL A 43 5.16 -17.68 -21.12
CA VAL A 43 6.21 -18.61 -21.47
C VAL A 43 6.97 -19.13 -20.26
N PRO A 44 7.57 -18.23 -19.46
CA PRO A 44 8.28 -18.65 -18.25
C PRO A 44 7.32 -19.22 -17.20
N TYR A 45 6.13 -18.64 -17.14
CA TYR A 45 5.09 -19.13 -16.23
C TYR A 45 4.64 -20.52 -16.66
N GLY A 46 4.40 -20.69 -17.95
CA GLY A 46 3.96 -21.97 -18.50
C GLY A 46 5.05 -23.02 -18.46
N ILE A 47 6.29 -22.60 -18.75
CA ILE A 47 7.42 -23.52 -18.72
C ILE A 47 7.67 -24.04 -17.31
N MET A 48 7.68 -23.13 -16.34
CA MET A 48 7.89 -23.52 -14.95
CA MET A 48 7.89 -23.52 -14.95
C MET A 48 6.68 -24.29 -14.43
N LEU A 49 5.50 -23.93 -14.92
CA LEU A 49 4.27 -24.61 -14.52
C LEU A 49 4.27 -26.04 -15.04
N ALA A 50 4.74 -26.22 -16.27
CA ALA A 50 4.74 -27.54 -16.89
C ALA A 50 5.76 -28.48 -16.26
N VAL A 51 7.02 -28.07 -16.23
CA VAL A 51 8.06 -28.92 -15.65
C VAL A 51 8.03 -28.96 -14.11
N GLY A 52 8.09 -27.79 -13.49
CA GLY A 52 8.08 -27.72 -12.03
C GLY A 52 6.75 -27.88 -11.31
N GLY A 53 5.75 -27.11 -11.75
CA GLY A 53 4.50 -26.99 -11.01
C GLY A 53 3.57 -28.19 -11.00
N ILE A 54 3.21 -28.66 -12.19
CA ILE A 54 2.22 -29.70 -12.33
C ILE A 54 2.70 -31.08 -11.82
N PRO A 55 3.91 -31.49 -12.25
CA PRO A 55 4.46 -32.78 -11.83
C PRO A 55 4.50 -32.96 -10.31
N LEU A 56 4.74 -31.86 -9.58
CA LEU A 56 4.75 -31.92 -8.13
C LEU A 56 3.33 -31.91 -7.57
N PHE A 57 2.43 -31.21 -8.27
CA PHE A 57 1.01 -31.23 -7.93
C PHE A 57 0.49 -32.65 -8.10
N TYR A 58 0.89 -33.27 -9.20
CA TYR A 58 0.55 -34.66 -9.49
C TYR A 58 1.13 -35.60 -8.44
N MET A 59 2.34 -35.30 -7.97
CA MET A 59 3.05 -36.18 -7.05
C MET A 59 2.37 -36.27 -5.69
N GLU A 60 1.91 -35.14 -5.16
CA GLU A 60 1.26 -35.12 -3.86
C GLU A 60 -0.09 -35.83 -3.90
N LEU A 61 -0.89 -35.51 -4.92
CA LEU A 61 -2.19 -36.14 -5.08
C LEU A 61 -2.05 -37.65 -5.26
N ALA A 62 -0.96 -38.05 -5.91
CA ALA A 62 -0.65 -39.46 -6.08
C ALA A 62 -0.26 -40.09 -4.74
N LEU A 63 0.69 -39.46 -4.06
CA LEU A 63 1.17 -39.94 -2.77
C LEU A 63 0.06 -39.98 -1.73
N GLY A 64 -0.81 -38.97 -1.74
CA GLY A 64 -1.90 -38.90 -0.79
C GLY A 64 -2.91 -40.02 -0.97
N GLN A 65 -3.26 -40.28 -2.22
CA GLN A 65 -4.25 -41.30 -2.54
C GLN A 65 -3.72 -42.71 -2.29
N HIS A 66 -2.46 -42.94 -2.68
CA HIS A 66 -1.86 -44.27 -2.57
C HIS A 66 -1.62 -44.69 -1.13
N ASN A 67 -0.93 -43.83 -0.37
CA ASN A 67 -0.57 -44.16 1.00
C ASN A 67 -1.76 -44.04 1.95
N ARG A 68 -2.80 -43.34 1.50
CA ARG A 68 -4.06 -43.27 2.23
C ARG A 68 -3.94 -42.74 3.66
N LYS A 69 -3.00 -41.82 3.89
CA LYS A 69 -2.80 -41.30 5.23
C LYS A 69 -2.46 -39.81 5.21
N GLY A 70 -2.53 -39.17 6.37
CA GLY A 70 -2.26 -37.75 6.51
C GLY A 70 -0.83 -37.40 6.16
N ALA A 71 -0.57 -36.09 6.06
CA ALA A 71 0.73 -35.59 5.62
C ALA A 71 1.90 -36.13 6.45
N ILE A 72 1.73 -36.15 7.77
CA ILE A 72 2.78 -36.62 8.67
C ILE A 72 3.01 -38.12 8.54
N THR A 73 1.93 -38.88 8.67
CA THR A 73 2.02 -40.34 8.63
C THR A 73 2.43 -40.84 7.25
N CYS A 74 2.08 -40.07 6.23
CA CYS A 74 2.37 -40.45 4.85
C CYS A 74 3.87 -40.54 4.58
N TRP A 75 4.61 -39.54 5.04
CA TRP A 75 6.06 -39.51 4.85
C TRP A 75 6.76 -40.43 5.84
N GLY A 76 6.05 -40.78 6.92
CA GLY A 76 6.57 -41.72 7.89
C GLY A 76 6.59 -43.12 7.32
N ARG A 77 5.57 -43.46 6.54
CA ARG A 77 5.45 -44.77 5.93
C ARG A 77 6.23 -44.88 4.62
N LEU A 78 6.63 -43.73 4.08
CA LEU A 78 7.35 -43.71 2.82
C LEU A 78 8.86 -43.76 3.06
N VAL A 79 9.38 -42.70 3.67
CA VAL A 79 10.79 -42.65 4.04
C VAL A 79 10.92 -42.18 5.49
N PRO A 80 10.88 -43.13 6.43
CA PRO A 80 10.90 -42.87 7.88
C PRO A 80 12.06 -41.98 8.32
N LEU A 81 13.15 -41.96 7.55
CA LEU A 81 14.26 -41.06 7.83
C LEU A 81 13.85 -39.62 7.58
N PHE A 82 13.05 -39.43 6.53
CA PHE A 82 12.62 -38.11 6.10
C PHE A 82 11.27 -37.69 6.68
N LYS A 83 10.75 -38.49 7.61
CA LYS A 83 9.45 -38.23 8.22
C LYS A 83 9.33 -36.82 8.77
N GLY A 84 10.48 -36.20 9.06
CA GLY A 84 10.51 -34.81 9.45
C GLY A 84 9.88 -33.89 8.41
N ILE A 85 9.86 -34.35 7.17
CA ILE A 85 9.20 -33.62 6.09
C ILE A 85 7.72 -33.42 6.40
N GLY A 86 7.08 -34.48 6.88
CA GLY A 86 5.67 -34.43 7.22
C GLY A 86 5.38 -33.43 8.32
N TYR A 87 6.35 -33.23 9.20
CA TYR A 87 6.22 -32.24 10.27
C TYR A 87 6.46 -30.83 9.72
N ALA A 88 7.47 -30.70 8.86
CA ALA A 88 7.82 -29.42 8.26
C ALA A 88 6.67 -28.89 7.41
N VAL A 89 6.05 -29.77 6.64
CA VAL A 89 4.98 -29.39 5.73
C VAL A 89 3.71 -28.97 6.47
N VAL A 90 3.43 -29.65 7.58
CA VAL A 90 2.20 -29.41 8.32
C VAL A 90 2.24 -28.12 9.13
N LEU A 91 3.34 -27.89 9.84
CA LEU A 91 3.44 -26.72 10.70
C LEU A 91 3.61 -25.43 9.88
N ILE A 92 3.90 -25.60 8.59
CA ILE A 92 3.90 -24.47 7.67
C ILE A 92 2.47 -24.01 7.42
N ALA A 93 1.59 -24.97 7.19
CA ALA A 93 0.17 -24.69 7.04
C ALA A 93 -0.41 -24.15 8.35
N PHE A 94 0.24 -24.50 9.45
CA PHE A 94 -0.16 -24.03 10.77
C PHE A 94 0.16 -22.54 10.92
N TYR A 95 1.28 -22.12 10.35
CA TYR A 95 1.69 -20.71 10.40
C TYR A 95 0.80 -19.85 9.50
N VAL A 96 0.55 -20.34 8.29
CA VAL A 96 -0.23 -19.60 7.30
C VAL A 96 -1.62 -19.25 7.81
N GLY A 97 -2.25 -20.18 8.53
CA GLY A 97 -3.58 -19.98 9.06
C GLY A 97 -3.68 -18.76 9.96
N PHE A 98 -2.55 -18.38 10.55
CA PHE A 98 -2.51 -17.21 11.42
C PHE A 98 -2.74 -15.92 10.64
N TYR A 99 -1.95 -15.68 9.60
CA TYR A 99 -2.04 -14.43 8.85
C TYR A 99 -2.98 -14.47 7.64
N TYR A 100 -3.45 -15.65 7.24
CA TYR A 100 -4.25 -15.75 6.02
C TYR A 100 -5.72 -15.38 6.23
N ASN A 101 -6.29 -15.85 7.33
CA ASN A 101 -7.72 -15.68 7.56
C ASN A 101 -8.13 -14.22 7.75
N VAL A 102 -7.16 -13.38 8.10
CA VAL A 102 -7.42 -11.96 8.27
C VAL A 102 -7.83 -11.32 6.94
N ILE A 103 -7.33 -11.88 5.84
CA ILE A 103 -7.69 -11.43 4.52
C ILE A 103 -9.16 -11.65 4.25
N ILE A 104 -9.65 -12.82 4.65
CA ILE A 104 -11.08 -13.14 4.54
C ILE A 104 -11.88 -12.21 5.44
N ALA A 105 -11.32 -11.89 6.60
CA ALA A 105 -11.96 -10.98 7.55
C ALA A 105 -12.07 -9.58 6.97
N TRP A 106 -11.01 -9.14 6.28
CA TRP A 106 -11.03 -7.85 5.61
C TRP A 106 -12.10 -7.84 4.52
N SER A 107 -12.24 -8.98 3.84
CA SER A 107 -13.25 -9.12 2.81
C SER A 107 -14.65 -8.95 3.38
N LEU A 108 -14.90 -9.57 4.54
CA LEU A 108 -16.19 -9.47 5.20
C LEU A 108 -16.42 -8.07 5.74
N ARG A 109 -15.38 -7.48 6.32
CA ARG A 109 -15.46 -6.14 6.89
C ARG A 109 -15.83 -5.11 5.82
N PHE A 110 -15.20 -5.22 4.65
CA PHE A 110 -15.56 -4.39 3.51
C PHE A 110 -16.96 -4.74 3.02
N PHE A 111 -17.31 -6.02 3.15
CA PHE A 111 -18.63 -6.49 2.73
C PHE A 111 -19.72 -5.91 3.63
N PHE A 112 -19.46 -5.90 4.93
CA PHE A 112 -20.40 -5.31 5.89
C PHE A 112 -20.52 -3.81 5.66
N ALA A 113 -19.40 -3.17 5.40
CA ALA A 113 -19.35 -1.73 5.16
C ALA A 113 -19.93 -1.41 3.78
N SER A 114 -20.26 -2.47 3.03
CA SER A 114 -20.70 -2.31 1.66
C SER A 114 -22.21 -2.10 1.53
N PHE A 115 -22.93 -2.03 2.65
CA PHE A 115 -24.35 -1.70 2.52
C PHE A 115 -24.53 -0.20 2.69
N THR A 116 -24.80 0.45 1.56
CA THR A 116 -25.15 1.85 1.44
C THR A 116 -25.14 2.08 -0.06
N ASN A 117 -25.73 3.15 -0.57
CA ASN A 117 -25.38 3.56 -1.93
C ASN A 117 -24.10 4.40 -1.94
N SER A 118 -23.87 5.16 -0.86
CA SER A 118 -22.70 6.03 -0.82
C SER A 118 -21.54 5.29 -0.16
N LEU A 119 -20.53 4.98 -0.96
CA LEU A 119 -19.38 4.21 -0.48
C LEU A 119 -18.39 5.12 0.24
N PRO A 120 -17.99 4.75 1.46
CA PRO A 120 -17.15 5.56 2.33
C PRO A 120 -15.77 5.89 1.76
N TRP A 121 -15.31 5.12 0.78
CA TRP A 121 -13.99 5.31 0.21
C TRP A 121 -14.01 6.23 -1.02
N THR A 122 -15.17 6.81 -1.30
CA THR A 122 -15.33 7.64 -2.50
C THR A 122 -14.61 8.98 -2.37
N SER A 123 -15.04 9.82 -1.44
CA SER A 123 -14.45 11.16 -1.35
C SER A 123 -13.62 11.40 -0.09
N CYS A 124 -13.01 12.58 -0.02
CA CYS A 124 -12.03 12.93 1.01
C CYS A 124 -12.57 13.73 2.20
N ASN A 125 -13.89 13.95 2.24
CA ASN A 125 -14.46 14.90 3.19
C ASN A 125 -14.80 14.31 4.55
N ASN A 126 -14.46 13.04 4.77
CA ASN A 126 -14.70 12.39 6.05
C ASN A 126 -13.65 12.73 7.11
N ILE A 127 -13.83 12.19 8.32
CA ILE A 127 -12.97 12.54 9.45
C ILE A 127 -11.60 11.85 9.39
N TRP A 128 -11.59 10.60 8.95
CA TRP A 128 -10.34 9.85 8.85
C TRP A 128 -9.42 10.42 7.78
N ASN A 129 -9.97 11.29 6.94
CA ASN A 129 -9.22 11.86 5.84
C ASN A 129 -8.19 12.92 6.27
N THR A 130 -7.22 13.15 5.41
CA THR A 130 -6.18 14.14 5.65
C THR A 130 -6.15 15.17 4.54
N PRO A 131 -5.52 16.33 4.79
CA PRO A 131 -5.42 17.39 3.78
C PRO A 131 -4.71 16.92 2.52
N ASN A 132 -3.96 15.83 2.64
CA ASN A 132 -3.20 15.29 1.52
C ASN A 132 -4.01 14.25 0.74
N CYS A 133 -5.26 14.06 1.15
CA CYS A 133 -6.14 13.11 0.47
C CYS A 133 -6.45 13.54 -0.96
N ARG A 134 -6.28 12.62 -1.90
CA ARG A 134 -6.58 12.89 -3.30
C ARG A 134 -7.69 11.96 -3.79
N PRO A 135 -8.38 12.37 -4.85
CA PRO A 135 -9.57 11.66 -5.34
C PRO A 135 -9.32 10.21 -5.74
N PHE A 136 -8.26 9.93 -6.50
CA PHE A 136 -8.07 8.58 -7.02
C PHE A 136 -6.70 7.95 -6.78
N GLU A 137 -5.67 8.47 -7.44
CA GLU A 137 -4.34 7.86 -7.34
C GLU A 137 -3.20 8.78 -7.80
N VAL A 138 -2.77 9.68 -6.92
CA VAL A 138 -1.56 10.46 -7.18
C VAL A 138 -0.38 9.73 -6.56
N GLY A 139 0.71 9.61 -7.33
CA GLY A 139 1.83 8.80 -6.90
C GLY A 139 1.36 7.37 -6.74
N HIS A 140 1.77 6.71 -5.66
CA HIS A 140 2.67 7.29 -4.68
C HIS A 140 3.57 6.16 -4.17
N VAL A 141 4.43 6.39 -3.17
CA VAL A 141 4.46 7.58 -2.32
C VAL A 141 4.96 8.84 -3.04
N GLU A 142 5.03 9.98 -2.34
CA GLU A 142 4.85 10.04 -0.90
C GLU A 142 3.95 11.17 -0.38
N GLY A 143 3.26 10.87 0.72
CA GLY A 143 2.57 11.87 1.52
C GLY A 143 1.13 12.14 1.11
N PHE A 144 0.80 11.84 -0.14
CA PHE A 144 -0.57 12.04 -0.61
C PHE A 144 -1.22 10.73 -1.01
N GLN A 145 -2.21 10.31 -0.21
CA GLN A 145 -2.93 9.08 -0.47
C GLN A 145 -4.20 9.34 -1.26
N SER A 146 -5.04 8.31 -1.39
CA SER A 146 -6.31 8.46 -2.08
C SER A 146 -7.47 8.28 -1.10
N ALA A 147 -8.69 8.42 -1.61
CA ALA A 147 -9.88 8.26 -0.78
C ALA A 147 -10.06 6.78 -0.41
N ALA A 148 -9.70 5.91 -1.35
CA ALA A 148 -9.78 4.47 -1.13
C ALA A 148 -8.61 3.98 -0.29
N SER A 149 -7.48 4.67 -0.41
CA SER A 149 -6.28 4.32 0.34
C SER A 149 -6.38 4.78 1.80
N GLU A 150 -6.83 6.01 2.00
CA GLU A 150 -6.96 6.57 3.35
C GLU A 150 -8.07 5.89 4.14
N TYR A 151 -9.11 5.45 3.44
CA TYR A 151 -10.21 4.75 4.09
C TYR A 151 -9.74 3.41 4.64
N PHE A 152 -8.90 2.73 3.86
CA PHE A 152 -8.37 1.43 4.26
C PHE A 152 -7.27 1.56 5.30
N ASN A 153 -6.36 2.49 5.09
CA ASN A 153 -5.23 2.68 6.00
C ASN A 153 -5.58 3.42 7.30
N ARG A 154 -6.31 4.53 7.19
CA ARG A 154 -6.57 5.38 8.34
C ARG A 154 -7.86 5.03 9.09
N TYR A 155 -8.66 4.12 8.55
CA TYR A 155 -9.87 3.70 9.24
C TYR A 155 -9.94 2.20 9.51
N ILE A 156 -10.04 1.42 8.44
CA ILE A 156 -10.19 -0.03 8.56
C ILE A 156 -9.05 -0.65 9.37
N LEU A 157 -7.83 -0.43 8.91
CA LEU A 157 -6.65 -0.91 9.61
C LEU A 157 -6.28 0.00 10.77
N GLU A 158 -6.42 1.31 10.55
CA GLU A 158 -5.94 2.31 11.50
C GLU A 158 -4.45 2.12 11.75
N LEU A 159 -3.73 1.81 10.68
CA LEU A 159 -2.29 1.56 10.74
C LEU A 159 -1.55 2.87 11.03
N ASN A 160 -2.20 3.99 10.77
CA ASN A 160 -1.60 5.30 10.99
C ASN A 160 -1.38 5.57 12.48
N ARG A 161 -2.09 4.82 13.32
CA ARG A 161 -1.97 4.97 14.77
C ARG A 161 -0.87 4.07 15.33
N SER A 162 -0.18 3.36 14.44
CA SER A 162 0.92 2.49 14.84
C SER A 162 2.25 2.95 14.24
N GLU A 163 3.30 2.93 15.03
CA GLU A 163 4.61 3.38 14.59
C GLU A 163 5.48 2.23 14.09
N GLY A 164 4.94 1.02 14.16
CA GLY A 164 5.67 -0.16 13.73
C GLY A 164 5.11 -1.43 14.35
N ILE A 165 5.81 -2.54 14.17
CA ILE A 165 5.36 -3.82 14.70
C ILE A 165 5.52 -3.90 16.21
N HIS A 166 6.40 -3.07 16.76
CA HIS A 166 6.63 -3.07 18.20
C HIS A 166 5.43 -2.49 18.94
N ASP A 167 4.71 -1.58 18.30
CA ASP A 167 3.47 -1.06 18.86
C ASP A 167 2.26 -1.58 18.08
N LEU A 168 1.52 -2.49 18.70
CA LEU A 168 0.31 -3.04 18.10
C LEU A 168 -0.87 -2.09 18.28
N GLY A 169 -0.89 -1.39 19.40
CA GLY A 169 -1.98 -0.48 19.72
C GLY A 169 -3.20 -1.20 20.25
N ALA A 170 -4.35 -0.52 20.24
CA ALA A 170 -5.59 -1.10 20.73
C ALA A 170 -6.12 -2.13 19.75
N ILE A 171 -6.95 -3.04 20.23
CA ILE A 171 -7.55 -4.07 19.39
C ILE A 171 -8.86 -3.58 18.78
N LYS A 172 -8.96 -3.66 17.46
CA LYS A 172 -10.20 -3.35 16.77
C LYS A 172 -11.17 -4.51 16.96
N TRP A 173 -12.33 -4.22 17.55
CA TRP A 173 -13.28 -5.28 17.87
C TRP A 173 -14.26 -5.54 16.74
N ASP A 174 -14.27 -4.67 15.74
CA ASP A 174 -15.08 -4.90 14.55
C ASP A 174 -14.36 -5.90 13.66
N MET A 175 -13.03 -5.87 13.71
CA MET A 175 -12.20 -6.84 13.00
C MET A 175 -12.17 -8.15 13.76
N ALA A 176 -12.11 -8.06 15.08
CA ALA A 176 -12.13 -9.24 15.94
C ALA A 176 -13.41 -10.02 15.71
N LEU A 177 -14.51 -9.30 15.53
CA LEU A 177 -15.79 -9.92 15.21
C LEU A 177 -15.75 -10.54 13.82
N CYS A 178 -15.12 -9.84 12.89
CA CYS A 178 -14.97 -10.34 11.52
C CYS A 178 -14.06 -11.57 11.48
N LEU A 179 -12.96 -11.50 12.21
CA LEU A 179 -12.03 -12.62 12.28
C LEU A 179 -12.70 -13.81 12.95
N LEU A 180 -13.51 -13.54 13.96
CA LEU A 180 -14.28 -14.58 14.64
C LEU A 180 -15.23 -15.25 13.67
N ILE A 181 -15.98 -14.43 12.93
CA ILE A 181 -16.93 -14.92 11.93
C ILE A 181 -16.22 -15.81 10.90
N VAL A 182 -14.99 -15.43 10.54
CA VAL A 182 -14.21 -16.18 9.57
C VAL A 182 -13.87 -17.57 10.11
N TYR A 183 -13.36 -17.61 11.33
CA TYR A 183 -13.00 -18.89 11.95
C TYR A 183 -14.24 -19.71 12.29
N LEU A 184 -15.36 -19.04 12.51
CA LEU A 184 -16.62 -19.72 12.77
C LEU A 184 -17.08 -20.45 11.51
N ILE A 185 -16.99 -19.77 10.38
CA ILE A 185 -17.35 -20.37 9.09
C ILE A 185 -16.44 -21.55 8.78
N CYS A 186 -15.16 -21.39 9.08
CA CYS A 186 -14.19 -22.46 8.87
C CYS A 186 -14.48 -23.63 9.81
N TYR A 187 -15.09 -23.34 10.94
CA TYR A 187 -15.32 -24.35 11.98
C TYR A 187 -16.48 -25.28 11.66
N PHE A 188 -17.58 -24.72 11.17
CA PHE A 188 -18.77 -25.52 10.90
C PHE A 188 -18.67 -26.24 9.57
N SER A 189 -17.71 -25.84 8.75
CA SER A 189 -17.42 -26.54 7.50
C SER A 189 -16.60 -27.80 7.76
N LEU A 190 -15.61 -27.66 8.62
CA LEU A 190 -14.73 -28.77 8.99
C LEU A 190 -15.23 -29.47 10.25
N TRP A 191 -16.38 -29.01 10.74
CA TRP A 191 -16.98 -29.53 11.95
C TRP A 191 -17.13 -31.06 11.94
N LYS A 192 -17.79 -31.58 10.91
CA LYS A 192 -18.03 -33.01 10.79
C LYS A 192 -16.98 -33.72 9.93
N GLY A 193 -16.03 -32.96 9.40
CA GLY A 193 -15.03 -33.51 8.50
C GLY A 193 -15.42 -33.35 7.03
N ILE A 194 -14.82 -34.16 6.17
CA ILE A 194 -15.03 -34.05 4.73
C ILE A 194 -16.47 -34.37 4.32
N SER A 195 -17.25 -34.90 5.25
CA SER A 195 -18.66 -35.17 4.98
C SER A 195 -19.39 -33.89 4.61
N THR A 196 -19.31 -32.91 5.51
CA THR A 196 -19.84 -31.57 5.24
C THR A 196 -18.88 -30.77 4.38
N SER A 197 -17.59 -30.89 4.67
CA SER A 197 -16.55 -30.15 3.95
C SER A 197 -16.62 -30.39 2.45
N GLY A 198 -17.00 -31.61 2.06
CA GLY A 198 -17.08 -31.97 0.66
C GLY A 198 -18.15 -31.20 -0.10
N LYS A 199 -19.31 -31.02 0.53
CA LYS A 199 -20.42 -30.36 -0.14
C LYS A 199 -20.50 -28.87 0.17
N VAL A 200 -19.60 -28.39 1.04
CA VAL A 200 -19.53 -26.97 1.33
C VAL A 200 -18.77 -26.23 0.23
N VAL A 201 -17.73 -26.87 -0.29
CA VAL A 201 -16.90 -26.28 -1.33
C VAL A 201 -17.69 -26.09 -2.64
N TRP A 202 -18.87 -26.69 -2.69
CA TRP A 202 -19.75 -26.52 -3.85
C TRP A 202 -20.11 -25.05 -4.07
N PHE A 203 -20.02 -24.27 -2.99
CA PHE A 203 -20.28 -22.84 -3.04
C PHE A 203 -18.99 -22.05 -3.13
N THR A 204 -18.16 -22.16 -2.08
CA THR A 204 -16.92 -21.40 -1.97
C THR A 204 -16.02 -21.53 -3.19
N ALA A 205 -15.99 -22.71 -3.80
CA ALA A 205 -15.20 -22.92 -5.00
C ALA A 205 -15.89 -22.37 -6.24
N LEU A 206 -17.19 -22.62 -6.35
CA LEU A 206 -17.96 -22.24 -7.53
C LEU A 206 -18.38 -20.77 -7.55
N PHE A 207 -18.74 -20.23 -6.40
CA PHE A 207 -19.27 -18.87 -6.31
C PHE A 207 -18.39 -17.81 -6.96
N PRO A 208 -17.07 -17.82 -6.67
CA PRO A 208 -16.15 -16.86 -7.25
C PRO A 208 -16.24 -16.78 -8.78
N TYR A 209 -16.47 -17.93 -9.41
CA TYR A 209 -16.59 -17.98 -10.87
C TYR A 209 -17.83 -17.25 -11.35
N ALA A 210 -18.87 -17.23 -10.52
CA ALA A 210 -20.09 -16.50 -10.85
C ALA A 210 -19.81 -15.01 -10.87
N VAL A 211 -19.18 -14.51 -9.81
CA VAL A 211 -18.82 -13.10 -9.71
C VAL A 211 -17.75 -12.73 -10.74
N LEU A 212 -16.86 -13.69 -11.01
CA LEU A 212 -15.83 -13.50 -12.02
C LEU A 212 -16.43 -13.21 -13.39
N LEU A 213 -17.52 -13.91 -13.71
CA LEU A 213 -18.20 -13.73 -14.98
C LEU A 213 -18.91 -12.40 -15.04
N ILE A 214 -19.57 -12.02 -13.96
CA ILE A 214 -20.29 -10.75 -13.88
C ILE A 214 -19.33 -9.58 -14.01
N LEU A 215 -18.25 -9.61 -13.25
CA LEU A 215 -17.26 -8.53 -13.26
C LEU A 215 -16.44 -8.54 -14.53
N LEU A 216 -16.48 -9.65 -15.27
CA LEU A 216 -15.79 -9.73 -16.55
C LEU A 216 -16.60 -9.01 -17.62
N ILE A 217 -17.91 -9.20 -17.60
CA ILE A 217 -18.80 -8.53 -18.52
C ILE A 217 -18.83 -7.03 -18.24
N ARG A 218 -19.05 -6.69 -16.97
CA ARG A 218 -19.08 -5.30 -16.53
C ARG A 218 -17.74 -4.59 -16.79
N GLY A 219 -16.66 -5.37 -16.77
CA GLY A 219 -15.33 -4.82 -16.96
C GLY A 219 -15.00 -4.49 -18.40
N LEU A 220 -15.44 -5.34 -19.32
CA LEU A 220 -15.18 -5.15 -20.74
C LEU A 220 -16.23 -4.25 -21.39
N THR A 221 -17.24 -3.90 -20.62
CA THR A 221 -18.33 -3.04 -21.08
C THR A 221 -18.02 -1.57 -20.79
N LEU A 222 -16.81 -1.29 -20.31
CA LEU A 222 -16.46 0.05 -19.87
C LEU A 222 -15.43 0.68 -20.81
N PRO A 223 -15.45 2.01 -20.89
CA PRO A 223 -14.56 2.78 -21.78
C PRO A 223 -13.09 2.58 -21.44
N GLY A 224 -12.27 2.35 -22.47
CA GLY A 224 -10.85 2.14 -22.28
C GLY A 224 -10.53 0.79 -21.68
N SER A 225 -11.52 -0.11 -21.70
CA SER A 225 -11.34 -1.45 -21.15
C SER A 225 -10.30 -2.23 -21.95
N PHE A 226 -10.32 -2.04 -23.27
CA PHE A 226 -9.38 -2.71 -24.16
C PHE A 226 -7.96 -2.21 -23.91
N LEU A 227 -7.85 -0.96 -23.45
CA LEU A 227 -6.56 -0.37 -23.16
C LEU A 227 -5.87 -1.06 -22.00
N GLY A 228 -6.67 -1.50 -21.02
CA GLY A 228 -6.14 -2.22 -19.87
C GLY A 228 -5.68 -3.61 -20.25
N ILE A 229 -6.42 -4.24 -21.15
CA ILE A 229 -6.08 -5.57 -21.64
C ILE A 229 -4.73 -5.53 -22.37
N GLN A 230 -4.41 -4.37 -22.93
CA GLN A 230 -3.13 -4.18 -23.59
C GLN A 230 -1.98 -4.28 -22.59
N TYR A 231 -2.06 -3.48 -21.53
CA TYR A 231 -1.05 -3.51 -20.48
C TYR A 231 -0.98 -4.89 -19.84
N TYR A 232 -2.06 -5.66 -19.99
CA TYR A 232 -2.12 -7.01 -19.46
C TYR A 232 -1.34 -8.00 -20.32
N LEU A 233 -1.83 -8.26 -21.52
CA LEU A 233 -1.29 -9.31 -22.38
C LEU A 233 -0.27 -8.88 -23.44
N THR A 234 0.07 -7.59 -23.49
CA THR A 234 0.99 -7.10 -24.52
C THR A 234 2.32 -7.85 -24.46
N PRO A 235 2.67 -8.52 -25.57
CA PRO A 235 3.76 -9.50 -25.65
C PRO A 235 5.15 -8.92 -25.89
N ASN A 236 5.80 -8.44 -24.82
CA ASN A 236 7.21 -8.13 -24.90
C ASN A 236 8.01 -9.32 -24.37
N PHE A 237 8.74 -9.97 -25.27
CA PHE A 237 9.39 -11.24 -24.95
C PHE A 237 10.81 -11.04 -24.42
N SER A 238 11.22 -9.78 -24.30
CA SER A 238 12.56 -9.47 -23.78
C SER A 238 12.63 -9.70 -22.28
N ALA A 239 11.48 -9.94 -21.65
CA ALA A 239 11.39 -10.07 -20.21
C ALA A 239 11.97 -11.40 -19.72
N ILE A 240 12.02 -12.39 -20.61
CA ILE A 240 12.50 -13.72 -20.25
C ILE A 240 13.97 -13.70 -19.86
N TYR A 241 14.67 -12.63 -20.24
CA TYR A 241 16.09 -12.51 -19.97
C TYR A 241 16.41 -12.35 -18.49
N LYS A 242 15.57 -11.59 -17.79
CA LYS A 242 15.78 -11.32 -16.37
C LYS A 242 15.73 -12.60 -15.54
N ALA A 243 16.50 -12.62 -14.45
CA ALA A 243 16.57 -13.79 -13.58
C ALA A 243 15.38 -13.86 -12.63
N GLU A 244 14.84 -12.70 -12.26
CA GLU A 244 13.76 -12.62 -11.28
C GLU A 244 12.41 -13.07 -11.84
N VAL A 245 12.22 -12.89 -13.14
CA VAL A 245 10.95 -13.24 -13.77
C VAL A 245 10.74 -14.75 -13.75
N TRP A 246 11.84 -15.50 -13.76
CA TRP A 246 11.77 -16.96 -13.69
C TRP A 246 11.51 -17.45 -12.27
N VAL A 247 12.03 -16.72 -11.28
CA VAL A 247 11.82 -17.10 -9.88
C VAL A 247 10.42 -16.70 -9.43
N ASP A 248 9.88 -15.65 -10.03
CA ASP A 248 8.51 -15.23 -9.76
C ASP A 248 7.52 -16.21 -10.34
N ALA A 249 7.73 -16.57 -11.61
CA ALA A 249 6.91 -17.57 -12.28
C ALA A 249 6.94 -18.87 -11.49
N ALA A 250 8.13 -19.23 -11.01
CA ALA A 250 8.31 -20.43 -10.22
C ALA A 250 7.56 -20.33 -8.89
N THR A 251 7.83 -19.27 -8.15
CA THR A 251 7.21 -19.09 -6.84
C THR A 251 5.70 -18.88 -6.95
N GLN A 252 5.27 -18.28 -8.06
CA GLN A 252 3.86 -18.07 -8.32
C GLN A 252 3.18 -19.39 -8.68
N VAL A 253 3.83 -20.15 -9.55
CA VAL A 253 3.31 -21.44 -9.99
C VAL A 253 3.18 -22.41 -8.82
N PHE A 254 4.14 -22.36 -7.91
CA PHE A 254 4.13 -23.24 -6.73
C PHE A 254 3.09 -22.81 -5.71
N PHE A 255 3.04 -21.51 -5.42
CA PHE A 255 2.10 -21.00 -4.42
C PHE A 255 0.67 -21.08 -4.93
N SER A 256 0.52 -21.03 -6.25
CA SER A 256 -0.81 -21.08 -6.85
C SER A 256 -1.40 -22.48 -6.82
N LEU A 257 -0.57 -23.48 -7.12
CA LEU A 257 -1.01 -24.88 -7.10
C LEU A 257 -0.99 -25.45 -5.69
N GLY A 258 -0.28 -24.77 -4.79
CA GLY A 258 -0.24 -25.14 -3.39
C GLY A 258 0.33 -26.50 -3.00
N PRO A 259 1.35 -26.99 -3.72
CA PRO A 259 2.00 -28.20 -3.22
C PRO A 259 2.94 -27.87 -2.06
N GLY A 260 3.22 -28.85 -1.21
CA GLY A 260 4.13 -28.64 -0.09
C GLY A 260 3.45 -28.12 1.16
N PHE A 261 2.13 -27.95 1.10
CA PHE A 261 1.35 -27.58 2.28
C PHE A 261 0.74 -28.82 2.92
N GLY A 262 0.94 -29.98 2.30
CA GLY A 262 0.38 -31.22 2.79
C GLY A 262 -1.13 -31.28 2.63
N VAL A 263 -1.69 -30.29 1.93
CA VAL A 263 -3.13 -30.23 1.70
C VAL A 263 -3.55 -31.24 0.63
N LEU A 264 -2.82 -31.25 -0.48
CA LEU A 264 -3.09 -32.20 -1.55
C LEU A 264 -2.90 -33.63 -1.07
N LEU A 265 -2.00 -33.78 -0.10
CA LEU A 265 -1.71 -35.09 0.48
C LEU A 265 -2.89 -35.55 1.32
N ALA A 266 -3.46 -34.63 2.08
CA ALA A 266 -4.62 -34.93 2.92
C ALA A 266 -5.87 -35.16 2.08
N TYR A 267 -6.16 -34.23 1.18
CA TYR A 267 -7.33 -34.32 0.32
C TYR A 267 -7.36 -35.61 -0.49
N ALA A 268 -6.19 -35.99 -1.02
CA ALA A 268 -6.10 -37.19 -1.84
C ALA A 268 -6.14 -38.46 -1.00
N SER A 269 -5.87 -38.31 0.30
CA SER A 269 -5.86 -39.46 1.19
C SER A 269 -7.24 -40.05 1.39
N TYR A 270 -8.27 -39.25 1.10
CA TYR A 270 -9.65 -39.69 1.25
C TYR A 270 -10.20 -40.22 -0.07
N ASN A 271 -9.37 -40.21 -1.11
CA ASN A 271 -9.75 -40.76 -2.41
C ASN A 271 -9.76 -42.27 -2.39
N LYS A 272 -10.53 -42.87 -3.32
CA LYS A 272 -10.52 -44.31 -3.47
C LYS A 272 -9.28 -44.73 -4.24
N TYR A 273 -8.70 -45.87 -3.86
CA TYR A 273 -7.41 -46.31 -4.36
C TYR A 273 -7.32 -46.37 -5.88
N HIS A 274 -8.39 -46.85 -6.52
CA HIS A 274 -8.39 -47.05 -7.97
C HIS A 274 -8.95 -45.85 -8.73
N ASN A 275 -9.29 -44.80 -8.00
CA ASN A 275 -9.70 -43.54 -8.62
C ASN A 275 -8.55 -42.99 -9.47
N ASN A 276 -8.86 -42.26 -10.52
CA ASN A 276 -7.81 -41.76 -11.39
C ASN A 276 -7.38 -40.38 -10.93
N VAL A 277 -6.17 -40.32 -10.39
CA VAL A 277 -5.60 -39.08 -9.89
C VAL A 277 -4.99 -38.25 -11.01
N TYR A 278 -4.40 -38.93 -11.98
CA TYR A 278 -3.72 -38.27 -13.09
C TYR A 278 -4.68 -37.40 -13.89
N LYS A 279 -5.93 -37.85 -14.00
CA LYS A 279 -6.96 -37.06 -14.68
C LYS A 279 -7.33 -35.85 -13.84
N ASP A 280 -7.49 -36.07 -12.53
CA ASP A 280 -7.84 -35.00 -11.60
C ASP A 280 -6.72 -33.98 -11.50
N ALA A 281 -5.48 -34.45 -11.55
CA ALA A 281 -4.32 -33.57 -11.45
C ALA A 281 -4.24 -32.63 -12.64
N LEU A 282 -4.51 -33.16 -13.83
CA LEU A 282 -4.47 -32.37 -15.05
C LEU A 282 -5.61 -31.36 -15.11
N LEU A 283 -6.83 -31.83 -14.82
CA LEU A 283 -8.01 -30.98 -14.85
C LEU A 283 -7.89 -29.83 -13.85
N THR A 284 -7.54 -30.17 -12.62
CA THR A 284 -7.42 -29.18 -11.55
C THR A 284 -6.35 -28.14 -11.84
N SER A 285 -5.21 -28.59 -12.36
CA SER A 285 -4.11 -27.70 -12.70
C SER A 285 -4.55 -26.66 -13.72
N PHE A 286 -5.26 -27.11 -14.74
CA PHE A 286 -5.74 -26.23 -15.80
C PHE A 286 -6.71 -25.18 -15.29
N ILE A 287 -7.72 -25.64 -14.55
CA ILE A 287 -8.76 -24.75 -14.03
C ILE A 287 -8.18 -23.62 -13.20
N ASN A 288 -7.14 -23.93 -12.43
CA ASN A 288 -6.48 -22.93 -11.61
C ASN A 288 -5.79 -21.86 -12.44
N SER A 289 -4.93 -22.28 -13.36
CA SER A 289 -4.19 -21.37 -14.22
C SER A 289 -5.14 -20.61 -15.14
N ALA A 290 -6.22 -21.28 -15.55
CA ALA A 290 -7.22 -20.65 -16.40
C ALA A 290 -7.95 -19.54 -15.63
N THR A 291 -8.26 -19.81 -14.38
CA THR A 291 -8.94 -18.83 -13.52
C THR A 291 -8.08 -17.58 -13.34
N SER A 292 -6.77 -17.79 -13.30
CA SER A 292 -5.84 -16.66 -13.18
C SER A 292 -5.84 -15.83 -14.45
N PHE A 293 -5.72 -16.50 -15.59
CA PHE A 293 -5.72 -15.84 -16.89
C PHE A 293 -7.00 -15.02 -17.09
N ILE A 294 -8.13 -15.62 -16.72
CA ILE A 294 -9.42 -14.95 -16.79
C ILE A 294 -9.46 -13.74 -15.87
N ALA A 295 -9.02 -13.93 -14.64
CA ALA A 295 -9.01 -12.86 -13.64
C ALA A 295 -8.13 -11.69 -14.08
N GLY A 296 -7.13 -11.99 -14.91
CA GLY A 296 -6.25 -10.97 -15.44
C GLY A 296 -7.02 -9.93 -16.24
N PHE A 297 -7.96 -10.40 -17.05
CA PHE A 297 -8.81 -9.51 -17.84
C PHE A 297 -9.73 -8.71 -16.94
N VAL A 298 -10.30 -9.38 -15.95
CA VAL A 298 -11.24 -8.75 -15.02
C VAL A 298 -10.61 -7.54 -14.33
N ILE A 299 -9.38 -7.70 -13.87
CA ILE A 299 -8.68 -6.63 -13.17
C ILE A 299 -8.29 -5.48 -14.11
N PHE A 300 -7.62 -5.82 -15.21
CA PHE A 300 -7.08 -4.81 -16.10
C PHE A 300 -8.14 -4.15 -16.97
N SER A 301 -9.26 -4.83 -17.18
CA SER A 301 -10.39 -4.21 -17.86
C SER A 301 -10.87 -3.03 -17.03
N VAL A 302 -10.87 -3.23 -15.70
CA VAL A 302 -11.23 -2.17 -14.77
C VAL A 302 -10.08 -1.19 -14.59
N LEU A 303 -8.86 -1.71 -14.54
CA LEU A 303 -7.67 -0.87 -14.41
C LEU A 303 -7.53 0.07 -15.60
N GLY A 304 -7.84 -0.44 -16.79
CA GLY A 304 -7.80 0.36 -18.00
C GLY A 304 -8.88 1.43 -17.97
N TYR A 305 -9.98 1.12 -17.31
CA TYR A 305 -11.09 2.07 -17.17
C TYR A 305 -10.67 3.28 -16.34
N MET A 306 -9.78 3.05 -15.38
CA MET A 306 -9.28 4.13 -14.53
C MET A 306 -8.25 4.99 -15.25
N ALA A 307 -7.52 4.37 -16.17
CA ALA A 307 -6.45 5.06 -16.88
C ALA A 307 -6.99 5.86 -18.06
N HIS A 308 -8.29 5.79 -18.28
CA HIS A 308 -8.93 6.51 -19.37
C HIS A 308 -9.88 7.58 -18.85
N THR A 309 -10.96 7.15 -18.20
CA THR A 309 -11.99 8.06 -17.71
C THR A 309 -11.59 8.75 -16.41
N LEU A 310 -10.87 8.02 -15.54
CA LEU A 310 -10.55 8.53 -14.22
C LEU A 310 -9.27 9.36 -14.20
N GLY A 311 -8.61 9.45 -15.35
CA GLY A 311 -7.45 10.30 -15.51
C GLY A 311 -6.30 9.98 -14.57
N VAL A 312 -5.85 8.72 -14.59
CA VAL A 312 -4.72 8.30 -13.78
C VAL A 312 -3.77 7.44 -14.60
N ARG A 313 -2.49 7.46 -14.24
CA ARG A 313 -1.50 6.65 -14.93
C ARG A 313 -1.70 5.17 -14.59
N ILE A 314 -1.66 4.32 -15.61
CA ILE A 314 -1.80 2.88 -15.40
C ILE A 314 -0.67 2.37 -14.51
N GLU A 315 0.42 3.12 -14.48
CA GLU A 315 1.57 2.81 -13.66
C GLU A 315 1.21 2.74 -12.18
N ASP A 316 0.42 3.71 -11.73
CA ASP A 316 0.05 3.80 -10.32
C ASP A 316 -1.16 2.96 -9.93
N VAL A 317 -1.94 2.53 -10.93
CA VAL A 317 -3.13 1.73 -10.64
C VAL A 317 -2.88 0.23 -10.76
N ALA A 318 -1.68 -0.15 -11.17
CA ALA A 318 -1.33 -1.56 -11.30
C ALA A 318 -0.58 -2.02 -10.05
N THR A 319 -1.20 -2.89 -9.27
CA THR A 319 -0.62 -3.33 -8.00
C THR A 319 -1.00 -4.76 -7.67
N GLU A 320 -0.20 -5.40 -6.82
CA GLU A 320 -0.50 -6.72 -6.30
C GLU A 320 -0.97 -6.64 -4.86
N GLY A 321 -1.24 -7.79 -4.26
CA GLY A 321 -1.61 -7.86 -2.85
C GLY A 321 -2.90 -7.17 -2.51
N PRO A 322 -3.18 -7.01 -1.21
CA PRO A 322 -4.42 -6.42 -0.70
C PRO A 322 -4.64 -4.98 -1.18
N GLY A 323 -3.57 -4.31 -1.57
CA GLY A 323 -3.66 -2.94 -2.06
C GLY A 323 -4.57 -2.82 -3.28
N LEU A 324 -4.53 -3.84 -4.13
CA LEU A 324 -5.35 -3.86 -5.33
C LEU A 324 -6.82 -4.04 -5.03
N VAL A 325 -7.14 -5.07 -4.23
CA VAL A 325 -8.52 -5.44 -3.97
C VAL A 325 -9.20 -4.54 -2.94
N PHE A 326 -8.43 -4.07 -1.96
CA PHE A 326 -9.03 -3.24 -0.90
C PHE A 326 -8.89 -1.73 -1.14
N VAL A 327 -8.18 -1.34 -2.19
CA VAL A 327 -8.02 0.08 -2.48
C VAL A 327 -8.31 0.44 -3.93
N VAL A 328 -7.44 -0.02 -4.84
CA VAL A 328 -7.50 0.39 -6.24
C VAL A 328 -8.79 -0.03 -6.93
N TYR A 329 -9.14 -1.31 -6.81
CA TYR A 329 -10.32 -1.83 -7.48
C TYR A 329 -11.61 -1.21 -6.97
N PRO A 330 -11.79 -1.14 -5.63
CA PRO A 330 -12.97 -0.49 -5.08
C PRO A 330 -13.08 0.97 -5.51
N ALA A 331 -11.94 1.61 -5.71
CA ALA A 331 -11.91 2.99 -6.18
C ALA A 331 -12.55 3.10 -7.56
N ALA A 332 -12.26 2.13 -8.42
CA ALA A 332 -12.83 2.10 -9.76
C ALA A 332 -14.32 1.71 -9.70
N ILE A 333 -14.67 0.85 -8.76
CA ILE A 333 -16.05 0.42 -8.58
C ILE A 333 -16.94 1.57 -8.11
N ALA A 334 -16.37 2.45 -7.28
CA ALA A 334 -17.12 3.54 -6.68
C ALA A 334 -17.66 4.51 -7.71
N THR A 335 -16.94 4.66 -8.83
CA THR A 335 -17.32 5.61 -9.86
C THR A 335 -18.46 5.10 -10.74
N MET A 336 -18.40 3.83 -11.11
CA MET A 336 -19.38 3.26 -12.04
C MET A 336 -20.76 3.08 -11.40
N PRO A 337 -21.81 3.15 -12.22
CA PRO A 337 -23.22 3.02 -11.80
C PRO A 337 -23.51 1.69 -11.14
N ALA A 338 -24.48 1.67 -10.22
CA ALA A 338 -24.82 0.46 -9.47
C ALA A 338 -23.61 -0.04 -8.71
N SER A 339 -22.80 0.89 -8.23
CA SER A 339 -21.54 0.58 -7.56
C SER A 339 -21.71 -0.33 -6.35
N THR A 340 -22.78 -0.12 -5.59
CA THR A 340 -23.05 -0.89 -4.39
C THR A 340 -23.17 -2.38 -4.69
N PHE A 341 -23.67 -2.70 -5.89
CA PHE A 341 -23.83 -4.09 -6.30
C PHE A 341 -22.48 -4.77 -6.55
N TRP A 342 -21.65 -4.12 -7.36
CA TRP A 342 -20.35 -4.68 -7.72
C TRP A 342 -19.47 -4.87 -6.49
N ALA A 343 -19.55 -3.92 -5.56
CA ALA A 343 -18.75 -3.96 -4.34
C ALA A 343 -19.11 -5.17 -3.48
N LEU A 344 -20.40 -5.44 -3.35
CA LEU A 344 -20.88 -6.53 -2.51
C LEU A 344 -20.41 -7.89 -3.00
N ILE A 345 -20.65 -8.17 -4.29
CA ILE A 345 -20.26 -9.45 -4.87
C ILE A 345 -18.75 -9.60 -4.93
N PHE A 346 -18.05 -8.48 -5.09
CA PHE A 346 -16.59 -8.50 -5.18
C PHE A 346 -15.96 -8.94 -3.87
N PHE A 347 -16.32 -8.27 -2.78
CA PHE A 347 -15.80 -8.60 -1.46
C PHE A 347 -16.26 -9.99 -1.03
N MET A 348 -17.48 -10.35 -1.41
CA MET A 348 -17.99 -11.69 -1.12
C MET A 348 -17.18 -12.74 -1.89
N MET A 349 -16.77 -12.38 -3.10
CA MET A 349 -15.93 -13.26 -3.91
C MET A 349 -14.55 -13.42 -3.27
N LEU A 350 -14.03 -12.33 -2.72
CA LEU A 350 -12.74 -12.36 -2.05
C LEU A 350 -12.78 -13.31 -0.85
N ALA A 351 -13.88 -13.26 -0.11
CA ALA A 351 -14.07 -14.13 1.05
C ALA A 351 -14.21 -15.59 0.62
N THR A 352 -14.99 -15.82 -0.43
CA THR A 352 -15.21 -17.17 -0.93
C THR A 352 -13.98 -17.71 -1.64
N LEU A 353 -13.08 -16.80 -2.02
CA LEU A 353 -11.82 -17.20 -2.62
C LEU A 353 -10.81 -17.66 -1.56
N GLY A 354 -10.83 -17.02 -0.40
CA GLY A 354 -9.92 -17.36 0.67
C GLY A 354 -10.39 -18.51 1.54
N LEU A 355 -11.71 -18.66 1.67
CA LEU A 355 -12.27 -19.66 2.56
C LEU A 355 -11.92 -21.10 2.19
N ASP A 356 -12.26 -21.50 0.96
CA ASP A 356 -12.02 -22.87 0.50
C ASP A 356 -10.53 -23.16 0.41
N SER A 357 -9.73 -22.10 0.26
CA SER A 357 -8.29 -22.23 0.27
C SER A 357 -7.79 -22.46 1.70
N SER A 358 -8.40 -21.76 2.65
CA SER A 358 -8.04 -21.91 4.05
C SER A 358 -8.50 -23.27 4.58
N PHE A 359 -9.59 -23.78 4.02
CA PHE A 359 -10.12 -25.09 4.39
C PHE A 359 -9.06 -26.18 4.21
N GLY A 360 -8.41 -26.18 3.05
CA GLY A 360 -7.36 -27.14 2.77
C GLY A 360 -6.21 -27.03 3.76
N GLY A 361 -5.85 -25.80 4.09
CA GLY A 361 -4.79 -25.55 5.05
C GLY A 361 -5.11 -26.15 6.41
N MET A 362 -6.33 -25.91 6.88
CA MET A 362 -6.78 -26.45 8.16
C MET A 362 -6.85 -27.98 8.11
N GLU A 363 -7.47 -28.50 7.06
CA GLU A 363 -7.64 -29.94 6.91
C GLU A 363 -6.31 -30.66 6.84
N ALA A 364 -5.31 -29.99 6.30
CA ALA A 364 -3.97 -30.56 6.18
C ALA A 364 -3.41 -30.85 7.57
N ILE A 365 -3.68 -29.95 8.51
CA ILE A 365 -3.22 -30.11 9.88
C ILE A 365 -4.05 -31.16 10.62
N ILE A 366 -5.38 -31.06 10.49
CA ILE A 366 -6.29 -31.97 11.18
C ILE A 366 -6.10 -33.42 10.74
N THR A 367 -6.12 -33.64 9.43
CA THR A 367 -5.97 -34.98 8.88
C THR A 367 -4.60 -35.58 9.21
N ALA A 368 -3.58 -34.72 9.20
CA ALA A 368 -2.22 -35.17 9.49
C ALA A 368 -2.07 -35.58 10.94
N LEU A 369 -2.70 -34.83 11.83
CA LEU A 369 -2.63 -35.11 13.26
C LEU A 369 -3.56 -36.25 13.67
N SER A 370 -4.67 -36.38 12.94
CA SER A 370 -5.65 -37.42 13.24
C SER A 370 -5.09 -38.81 12.99
N ASP A 371 -4.36 -38.96 11.90
CA ASP A 371 -3.77 -40.25 11.55
C ASP A 371 -2.61 -40.61 12.48
N GLU A 372 -1.96 -39.58 13.01
CA GLU A 372 -0.87 -39.77 13.96
C GLU A 372 -1.37 -40.09 15.37
N PHE A 373 -2.46 -39.44 15.76
CA PHE A 373 -2.97 -39.56 17.12
C PHE A 373 -4.47 -39.86 17.14
N PRO A 374 -4.82 -41.15 17.17
CA PRO A 374 -6.21 -41.64 17.17
C PRO A 374 -7.07 -40.98 18.25
N LYS A 375 -6.44 -40.48 19.30
CA LYS A 375 -7.15 -39.78 20.37
C LYS A 375 -7.85 -38.53 19.81
N ILE A 376 -7.29 -37.98 18.74
CA ILE A 376 -7.86 -36.80 18.09
C ILE A 376 -9.05 -37.14 17.19
N LYS A 377 -8.99 -38.31 16.55
CA LYS A 377 -10.01 -38.69 15.56
C LYS A 377 -11.42 -38.76 16.15
N ARG A 378 -11.55 -39.42 17.29
CA ARG A 378 -12.86 -39.56 17.93
C ARG A 378 -13.33 -38.23 18.54
N ASN A 379 -12.37 -37.44 18.99
CA ASN A 379 -12.63 -36.16 19.66
C ASN A 379 -12.61 -34.96 18.71
N ARG A 380 -12.52 -35.23 17.41
CA ARG A 380 -12.22 -34.22 16.40
C ARG A 380 -13.03 -32.92 16.54
N GLU A 381 -14.30 -33.02 16.88
CA GLU A 381 -15.12 -31.83 17.12
C GLU A 381 -14.48 -30.94 18.18
N LEU A 382 -14.00 -31.56 19.26
CA LEU A 382 -13.38 -30.83 20.36
C LEU A 382 -11.98 -30.35 19.99
N PHE A 383 -11.27 -31.14 19.18
CA PHE A 383 -9.91 -30.80 18.79
C PHE A 383 -9.86 -29.52 17.97
N VAL A 384 -10.62 -29.49 16.88
CA VAL A 384 -10.61 -28.35 15.97
C VAL A 384 -11.16 -27.09 16.65
N ALA A 385 -11.86 -27.28 17.76
CA ALA A 385 -12.38 -26.16 18.53
C ALA A 385 -11.23 -25.41 19.19
N GLY A 386 -10.31 -26.15 19.81
CA GLY A 386 -9.17 -25.56 20.48
C GLY A 386 -8.17 -24.97 19.51
N LEU A 387 -7.94 -25.67 18.40
CA LEU A 387 -7.00 -25.23 17.39
C LEU A 387 -7.38 -23.85 16.84
N PHE A 388 -8.66 -23.70 16.51
CA PHE A 388 -9.15 -22.42 15.99
C PHE A 388 -9.18 -21.36 17.07
N SER A 389 -9.39 -21.78 18.31
CA SER A 389 -9.34 -20.87 19.44
C SER A 389 -7.94 -20.28 19.57
N LEU A 390 -6.94 -21.14 19.36
CA LEU A 390 -5.55 -20.70 19.33
C LEU A 390 -5.35 -19.70 18.20
N TYR A 391 -5.92 -20.02 17.04
CA TYR A 391 -5.83 -19.14 15.88
C TYR A 391 -6.49 -17.79 16.13
N PHE A 392 -7.65 -17.82 16.77
CA PHE A 392 -8.40 -16.58 17.03
C PHE A 392 -7.69 -15.70 18.06
N VAL A 393 -7.31 -16.30 19.19
CA VAL A 393 -6.63 -15.57 20.25
C VAL A 393 -5.32 -14.96 19.74
N VAL A 394 -4.51 -15.78 19.09
CA VAL A 394 -3.27 -15.29 18.48
C VAL A 394 -3.61 -14.34 17.33
N GLY A 395 -4.70 -14.64 16.65
CA GLY A 395 -5.15 -13.84 15.52
C GLY A 395 -5.62 -12.47 15.95
N LEU A 396 -5.82 -12.28 17.26
CA LEU A 396 -6.20 -10.99 17.80
C LEU A 396 -5.09 -9.98 17.58
N ALA A 397 -3.87 -10.47 17.42
CA ALA A 397 -2.73 -9.63 17.09
C ALA A 397 -2.93 -9.05 15.70
N SER A 398 -3.62 -9.79 14.84
CA SER A 398 -3.91 -9.33 13.49
C SER A 398 -5.01 -8.28 13.49
N CYS A 399 -5.78 -8.24 14.57
CA CYS A 399 -6.90 -7.32 14.69
C CYS A 399 -6.51 -6.02 15.40
N THR A 400 -5.24 -5.89 15.77
CA THR A 400 -4.76 -4.69 16.41
C THR A 400 -4.64 -3.55 15.40
N GLN A 401 -4.22 -2.39 15.88
CA GLN A 401 -4.08 -1.22 15.01
C GLN A 401 -2.85 -1.33 14.12
N GLY A 402 -1.81 -1.98 14.61
CA GLY A 402 -0.63 -2.25 13.84
C GLY A 402 -0.67 -3.66 13.26
N GLY A 403 -1.88 -4.22 13.21
CA GLY A 403 -2.08 -5.59 12.78
C GLY A 403 -1.52 -5.93 11.41
N PHE A 404 -1.55 -4.97 10.49
CA PHE A 404 -1.07 -5.21 9.14
C PHE A 404 0.43 -5.48 9.12
N TYR A 405 1.17 -4.81 10.01
CA TYR A 405 2.60 -5.04 10.13
C TYR A 405 2.87 -6.47 10.57
N PHE A 406 1.99 -7.00 11.40
CA PHE A 406 2.06 -8.40 11.83
C PHE A 406 1.69 -9.31 10.68
N PHE A 407 0.69 -8.90 9.90
CA PHE A 407 0.24 -9.65 8.73
C PHE A 407 1.33 -9.74 7.68
N HIS A 408 1.94 -8.59 7.37
CA HIS A 408 2.95 -8.52 6.32
C HIS A 408 4.20 -9.30 6.68
N LEU A 409 4.42 -9.52 7.97
CA LEU A 409 5.57 -10.28 8.44
C LEU A 409 5.41 -11.76 8.09
N LEU A 410 4.23 -12.30 8.41
CA LEU A 410 3.94 -13.70 8.11
C LEU A 410 3.72 -13.90 6.61
N ASP A 411 3.07 -12.93 5.98
CA ASP A 411 2.89 -12.94 4.53
C ASP A 411 4.24 -13.08 3.83
N ARG A 412 5.28 -12.57 4.49
CA ARG A 412 6.64 -12.64 3.98
C ARG A 412 7.33 -13.94 4.42
N TYR A 413 7.63 -14.02 5.71
CA TYR A 413 8.45 -15.10 6.26
C TYR A 413 7.72 -16.43 6.47
N ALA A 414 6.48 -16.38 6.93
CA ALA A 414 5.78 -17.57 7.41
C ALA A 414 5.89 -18.75 6.45
N ALA A 415 5.24 -18.66 5.30
CA ALA A 415 5.51 -19.63 4.24
C ALA A 415 5.98 -18.96 2.96
N GLY A 416 7.26 -19.14 2.66
CA GLY A 416 7.77 -18.99 1.31
C GLY A 416 9.22 -19.44 1.28
N TYR A 417 9.65 -19.93 0.12
CA TYR A 417 11.03 -20.37 -0.11
C TYR A 417 11.35 -21.60 0.75
N SER A 418 10.52 -21.84 1.76
CA SER A 418 10.58 -23.05 2.57
C SER A 418 9.83 -24.16 1.86
N ILE A 419 8.70 -23.77 1.26
CA ILE A 419 7.89 -24.68 0.47
C ILE A 419 8.74 -25.23 -0.66
N LEU A 420 9.62 -24.39 -1.18
CA LEU A 420 10.54 -24.79 -2.24
C LEU A 420 11.48 -25.88 -1.75
N VAL A 421 12.14 -25.62 -0.61
CA VAL A 421 13.06 -26.60 -0.04
C VAL A 421 12.29 -27.78 0.53
N ALA A 422 11.06 -27.53 0.97
CA ALA A 422 10.20 -28.60 1.48
C ALA A 422 9.75 -29.49 0.33
N VAL A 423 9.37 -28.88 -0.78
CA VAL A 423 8.97 -29.62 -1.96
C VAL A 423 10.19 -30.23 -2.65
N PHE A 424 11.34 -29.56 -2.51
CA PHE A 424 12.59 -30.06 -3.05
C PHE A 424 12.94 -31.41 -2.43
N PHE A 425 12.72 -31.52 -1.13
CA PHE A 425 13.00 -32.76 -0.40
C PHE A 425 11.94 -33.82 -0.71
N GLU A 426 10.72 -33.37 -0.99
CA GLU A 426 9.65 -34.29 -1.36
C GLU A 426 9.98 -35.00 -2.67
N ALA A 427 10.47 -34.24 -3.65
CA ALA A 427 10.84 -34.78 -4.95
C ALA A 427 12.03 -35.72 -4.84
N ILE A 428 13.06 -35.29 -4.12
CA ILE A 428 14.27 -36.08 -3.96
C ILE A 428 14.02 -37.34 -3.14
N ALA A 429 13.22 -37.21 -2.08
CA ALA A 429 12.91 -38.34 -1.21
C ALA A 429 12.14 -39.41 -1.98
N VAL A 430 11.23 -38.97 -2.84
CA VAL A 430 10.42 -39.89 -3.63
C VAL A 430 11.19 -40.49 -4.80
N SER A 431 11.90 -39.64 -5.55
CA SER A 431 12.56 -40.06 -6.78
C SER A 431 13.87 -40.82 -6.53
N TRP A 432 14.50 -40.56 -5.40
CA TRP A 432 15.83 -41.08 -5.12
C TRP A 432 15.83 -42.14 -4.02
N ILE A 433 15.41 -41.76 -2.83
CA ILE A 433 15.42 -42.69 -1.69
C ILE A 433 14.34 -43.74 -1.88
N TYR A 434 13.08 -43.31 -1.85
CA TYR A 434 11.97 -44.21 -2.13
C TYR A 434 12.05 -44.77 -3.55
N GLY A 435 12.55 -43.94 -4.46
CA GLY A 435 12.77 -44.35 -5.84
C GLY A 435 11.63 -44.04 -6.78
N THR A 436 11.97 -43.77 -8.04
CA THR A 436 10.97 -43.44 -9.05
C THR A 436 10.25 -44.68 -9.56
N ASN A 437 11.01 -45.74 -9.84
CA ASN A 437 10.46 -46.97 -10.35
C ASN A 437 9.43 -47.60 -9.41
N ARG A 438 9.70 -47.52 -8.10
CA ARG A 438 8.78 -48.04 -7.11
C ARG A 438 7.54 -47.15 -7.01
N PHE A 439 7.72 -45.86 -7.23
CA PHE A 439 6.61 -44.92 -7.20
C PHE A 439 5.70 -45.09 -8.42
N SER A 440 6.32 -45.22 -9.58
CA SER A 440 5.58 -45.45 -10.82
C SER A 440 4.87 -46.79 -10.77
N GLU A 441 5.45 -47.74 -10.03
CA GLU A 441 4.83 -49.04 -9.84
C GLU A 441 3.57 -48.92 -9.01
N ASP A 442 3.53 -47.92 -8.14
CA ASP A 442 2.35 -47.65 -7.33
C ASP A 442 1.23 -47.07 -8.17
N ILE A 443 1.56 -46.07 -8.98
CA ILE A 443 0.58 -45.42 -9.85
C ILE A 443 0.00 -46.41 -10.86
N ARG A 444 0.81 -47.35 -11.31
CA ARG A 444 0.35 -48.40 -12.22
C ARG A 444 -0.76 -49.23 -11.56
N ASP A 445 -0.56 -49.57 -10.29
CA ASP A 445 -1.52 -50.37 -9.55
C ASP A 445 -2.80 -49.60 -9.25
N MET A 446 -2.71 -48.28 -9.27
CA MET A 446 -3.85 -47.43 -8.93
C MET A 446 -4.70 -47.09 -10.15
N ILE A 447 -4.16 -46.25 -11.04
CA ILE A 447 -4.93 -45.75 -12.18
C ILE A 447 -4.87 -46.70 -13.37
N GLY A 448 -4.03 -47.73 -13.29
CA GLY A 448 -3.95 -48.74 -14.33
C GLY A 448 -2.73 -48.62 -15.24
N PHE A 449 -2.08 -47.46 -15.21
CA PHE A 449 -0.91 -47.25 -16.05
C PHE A 449 0.17 -46.46 -15.32
N PRO A 450 1.44 -46.76 -15.60
CA PRO A 450 2.57 -46.03 -15.02
C PRO A 450 2.73 -44.65 -15.66
N PRO A 451 3.25 -43.68 -14.90
CA PRO A 451 3.48 -42.33 -15.41
C PRO A 451 4.46 -42.32 -16.58
N GLY A 452 4.19 -41.50 -17.59
CA GLY A 452 5.10 -41.35 -18.70
C GLY A 452 6.45 -40.89 -18.21
N ARG A 453 7.51 -41.22 -18.94
CA ARG A 453 8.86 -40.89 -18.51
C ARG A 453 9.05 -39.38 -18.38
N TYR A 454 8.18 -38.61 -19.03
CA TYR A 454 8.20 -37.16 -18.91
C TYR A 454 7.99 -36.73 -17.46
N TRP A 455 7.06 -37.40 -16.78
CA TRP A 455 6.78 -37.11 -15.38
C TRP A 455 7.93 -37.55 -14.49
N GLN A 456 8.53 -38.69 -14.83
CA GLN A 456 9.62 -39.26 -14.05
C GLN A 456 10.87 -38.40 -14.13
N VAL A 457 11.11 -37.81 -15.31
CA VAL A 457 12.26 -36.95 -15.51
C VAL A 457 12.15 -35.67 -14.69
N CYS A 458 10.95 -35.12 -14.64
CA CYS A 458 10.69 -33.91 -13.87
C CYS A 458 10.87 -34.15 -12.38
N TRP A 459 10.33 -35.27 -11.89
CA TRP A 459 10.44 -35.62 -10.48
C TRP A 459 11.89 -35.84 -10.07
N ARG A 460 12.64 -36.58 -10.88
CA ARG A 460 14.00 -36.96 -10.54
C ARG A 460 15.03 -35.86 -10.79
N PHE A 461 14.89 -35.15 -11.90
CA PHE A 461 15.92 -34.20 -12.33
C PHE A 461 15.44 -32.76 -12.39
N VAL A 462 14.51 -32.48 -13.31
CA VAL A 462 14.08 -31.12 -13.61
C VAL A 462 13.61 -30.33 -12.39
N ALA A 463 12.67 -30.90 -11.63
CA ALA A 463 12.08 -30.20 -10.48
C ALA A 463 13.13 -29.81 -9.44
N PRO A 464 13.92 -30.78 -8.97
CA PRO A 464 14.96 -30.48 -7.98
C PRO A 464 15.98 -29.46 -8.48
N ILE A 465 16.28 -29.49 -9.78
CA ILE A 465 17.22 -28.55 -10.36
C ILE A 465 16.61 -27.16 -10.53
N PHE A 466 15.35 -27.12 -10.95
CA PHE A 466 14.65 -25.86 -11.12
C PHE A 466 14.08 -25.34 -9.80
N LEU A 467 14.27 -26.13 -8.75
CA LEU A 467 13.90 -25.71 -7.40
C LEU A 467 15.13 -25.19 -6.66
N LEU A 468 16.09 -26.10 -6.45
CA LEU A 468 17.31 -25.79 -5.73
C LEU A 468 18.01 -24.52 -6.22
N PHE A 469 18.01 -24.33 -7.54
CA PHE A 469 18.70 -23.18 -8.12
C PHE A 469 17.88 -21.88 -8.02
N ILE A 470 16.56 -21.99 -8.18
CA ILE A 470 15.71 -20.81 -8.06
C ILE A 470 15.52 -20.41 -6.60
N THR A 471 15.56 -21.40 -5.72
CA THR A 471 15.43 -21.14 -4.29
C THR A 471 16.71 -20.49 -3.77
N VAL A 472 17.81 -20.73 -4.49
CA VAL A 472 19.10 -20.13 -4.15
C VAL A 472 19.19 -18.68 -4.61
N TYR A 473 18.72 -18.41 -5.82
CA TYR A 473 18.80 -17.07 -6.39
C TYR A 473 17.82 -16.11 -5.73
N GLY A 474 16.90 -16.66 -4.94
CA GLY A 474 15.99 -15.84 -4.17
C GLY A 474 16.67 -15.32 -2.92
N LEU A 475 17.68 -16.05 -2.46
CA LEU A 475 18.44 -15.67 -1.28
C LEU A 475 19.47 -14.60 -1.60
N ILE A 476 19.85 -14.49 -2.87
CA ILE A 476 20.82 -13.50 -3.32
C ILE A 476 20.19 -12.11 -3.42
N GLY A 477 18.92 -12.08 -3.83
CA GLY A 477 18.18 -10.84 -3.97
C GLY A 477 17.44 -10.46 -2.72
N TYR A 478 17.87 -10.98 -1.58
CA TYR A 478 17.12 -10.81 -0.33
C TYR A 478 17.24 -9.40 0.25
N GLU A 479 16.09 -8.76 0.41
CA GLU A 479 15.98 -7.46 1.06
C GLU A 479 15.46 -7.61 2.48
N PRO A 480 16.14 -6.99 3.46
CA PRO A 480 15.55 -6.92 4.81
C PRO A 480 14.15 -6.33 4.72
N LEU A 481 13.19 -6.98 5.37
CA LEU A 481 11.77 -6.65 5.19
C LEU A 481 11.42 -5.19 5.49
N THR A 482 10.75 -4.57 4.54
CA THR A 482 10.29 -3.19 4.70
C THR A 482 8.91 -3.02 4.06
N TYR A 483 8.02 -2.32 4.74
CA TYR A 483 6.71 -2.01 4.17
C TYR A 483 6.52 -0.50 4.03
N ALA A 484 6.26 -0.06 2.81
CA ALA A 484 6.12 1.36 2.51
C ALA A 484 7.35 2.13 2.96
N ASP A 485 7.12 3.20 3.73
CA ASP A 485 8.22 4.01 4.24
C ASP A 485 8.78 3.40 5.51
N TYR A 486 8.05 2.43 6.08
CA TYR A 486 8.47 1.76 7.30
C TYR A 486 9.48 0.65 7.03
N VAL A 487 10.51 0.58 7.87
CA VAL A 487 11.51 -0.47 7.76
C VAL A 487 11.56 -1.31 9.03
N TYR A 488 11.22 -2.58 8.89
CA TYR A 488 11.20 -3.50 10.02
C TYR A 488 12.54 -3.57 10.73
N PRO A 489 12.53 -3.60 12.07
CA PRO A 489 13.76 -3.71 12.86
C PRO A 489 14.49 -5.01 12.59
N SER A 490 15.79 -5.05 12.90
CA SER A 490 16.61 -6.22 12.63
C SER A 490 16.12 -7.44 13.42
N TRP A 491 15.56 -7.20 14.60
CA TRP A 491 15.06 -8.28 15.44
C TRP A 491 13.78 -8.87 14.85
N ALA A 492 13.00 -8.03 14.18
CA ALA A 492 11.76 -8.47 13.56
C ALA A 492 12.05 -9.42 12.40
N ASN A 493 13.06 -9.08 11.60
CA ASN A 493 13.47 -9.92 10.49
C ASN A 493 13.94 -11.29 10.98
N ALA A 494 14.57 -11.30 12.16
CA ALA A 494 15.07 -12.54 12.75
C ALA A 494 13.94 -13.44 13.20
N LEU A 495 12.89 -12.84 13.76
CA LEU A 495 11.73 -13.58 14.22
C LEU A 495 11.06 -14.31 13.06
N GLY A 496 11.08 -13.69 11.89
CA GLY A 496 10.50 -14.28 10.70
C GLY A 496 11.31 -15.46 10.20
N TRP A 497 12.63 -15.35 10.31
CA TRP A 497 13.53 -16.42 9.88
C TRP A 497 13.33 -17.68 10.73
N CYS A 498 13.08 -17.48 12.01
CA CYS A 498 12.78 -18.59 12.91
C CYS A 498 11.51 -19.30 12.45
N ILE A 499 10.52 -18.51 12.04
CA ILE A 499 9.25 -19.04 11.55
C ILE A 499 9.45 -19.84 10.26
N ALA A 500 10.21 -19.27 9.33
CA ALA A 500 10.46 -19.90 8.05
C ALA A 500 11.34 -21.14 8.21
N GLY A 501 12.26 -21.08 9.17
CA GLY A 501 13.20 -22.15 9.40
C GLY A 501 12.71 -23.27 10.29
N SER A 502 11.79 -22.95 11.20
CA SER A 502 11.29 -23.92 12.18
C SER A 502 10.70 -25.16 11.50
N SER A 503 10.20 -24.97 10.29
CA SER A 503 9.69 -26.07 9.48
C SER A 503 10.85 -26.83 8.83
N VAL A 504 11.58 -26.14 7.96
CA VAL A 504 12.69 -26.73 7.21
C VAL A 504 13.70 -27.47 8.09
N VAL A 505 13.93 -26.96 9.30
CA VAL A 505 14.88 -27.59 10.21
C VAL A 505 14.35 -28.93 10.72
N MET A 506 13.04 -29.14 10.60
CA MET A 506 12.44 -30.40 11.01
C MET A 506 12.94 -31.56 10.15
N ILE A 507 13.39 -31.25 8.94
CA ILE A 507 13.88 -32.27 8.02
C ILE A 507 15.09 -33.00 8.59
N PRO A 508 16.17 -32.26 8.92
CA PRO A 508 17.32 -32.88 9.58
C PRO A 508 17.02 -33.26 11.03
N ALA A 509 16.10 -32.52 11.66
CA ALA A 509 15.80 -32.71 13.08
C ALA A 509 15.27 -34.12 13.37
N VAL A 510 14.19 -34.49 12.70
CA VAL A 510 13.60 -35.81 12.89
C VAL A 510 14.47 -36.86 12.22
N ALA A 511 15.24 -36.43 11.22
CA ALA A 511 16.18 -37.32 10.54
C ALA A 511 17.24 -37.82 11.51
N ILE A 512 17.92 -36.89 12.18
CA ILE A 512 18.94 -37.23 13.16
C ILE A 512 18.34 -37.90 14.39
N PHE A 513 17.14 -37.47 14.76
CA PHE A 513 16.45 -38.01 15.93
C PHE A 513 16.14 -39.51 15.80
N LYS A 514 15.41 -39.86 14.74
CA LYS A 514 15.05 -41.27 14.50
C LYS A 514 16.27 -42.09 14.12
N LEU A 515 17.33 -41.41 13.69
CA LEU A 515 18.54 -42.09 13.26
C LEU A 515 19.32 -42.65 14.46
N LEU A 516 19.32 -41.89 15.55
CA LEU A 516 20.05 -42.32 16.76
C LEU A 516 19.16 -43.14 17.70
N SER A 517 17.86 -43.18 17.42
CA SER A 517 16.93 -43.92 18.24
C SER A 517 16.93 -45.41 17.91
N THR A 518 17.14 -45.74 16.65
CA THR A 518 17.03 -47.11 16.17
C THR A 518 18.22 -47.98 16.59
N PRO A 519 17.93 -49.12 17.24
CA PRO A 519 18.98 -50.09 17.57
C PRO A 519 19.55 -50.76 16.32
N GLY A 520 20.87 -50.81 16.21
CA GLY A 520 21.52 -51.49 15.10
C GLY A 520 22.82 -50.83 14.71
N SER A 521 23.40 -51.29 13.61
CA SER A 521 24.58 -50.64 13.04
C SER A 521 24.14 -49.39 12.28
N LEU A 522 25.05 -48.43 12.14
CA LEU A 522 24.76 -47.18 11.46
C LEU A 522 24.17 -47.41 10.08
N ARG A 523 24.80 -48.27 9.30
CA ARG A 523 24.33 -48.58 7.95
C ARG A 523 23.01 -49.33 8.00
N GLN A 524 22.82 -50.15 9.03
CA GLN A 524 21.58 -50.89 9.21
C GLN A 524 20.46 -49.95 9.64
N ARG A 525 20.77 -49.07 10.59
CA ARG A 525 19.82 -48.06 11.04
C ARG A 525 19.39 -47.17 9.88
N PHE A 526 20.31 -46.94 8.95
CA PHE A 526 20.00 -46.21 7.72
C PHE A 526 19.01 -46.99 6.87
N THR A 527 19.26 -48.30 6.73
CA THR A 527 18.39 -49.15 5.93
C THR A 527 17.01 -49.28 6.56
N ILE A 528 16.97 -49.32 7.89
CA ILE A 528 15.71 -49.38 8.62
C ILE A 528 14.86 -48.15 8.31
N LEU A 529 15.50 -47.01 8.18
CA LEU A 529 14.82 -45.74 7.96
C LEU A 529 14.42 -45.53 6.50
N THR A 530 15.05 -46.26 5.58
CA THR A 530 14.77 -46.10 4.16
C THR A 530 13.72 -47.10 3.65
N THR A 531 13.27 -48.00 4.52
CA THR A 531 12.29 -49.01 4.14
C THR A 531 10.86 -48.55 4.43
N PRO A 532 9.95 -48.77 3.46
CA PRO A 532 8.53 -48.42 3.58
C PRO A 532 7.77 -49.31 4.57
N TRP A 533 6.46 -49.14 4.63
CA TRP A 533 5.61 -49.80 5.62
C TRP A 533 5.79 -51.31 5.70
N ARG A 534 5.33 -52.03 4.69
N ARG A 534 5.31 -52.01 4.69
CA ARG A 534 5.41 -53.49 4.69
CA ARG A 534 5.38 -53.47 4.63
C ARG A 534 6.70 -54.00 4.05
C ARG A 534 6.75 -53.94 4.18
N ASP A 535 7.44 -53.08 3.43
CA ASP A 535 8.72 -53.44 2.83
C ASP A 535 9.87 -53.24 3.81
N GLU B 1 11.83 7.68 -20.31
CA GLU B 1 12.07 8.53 -19.15
C GLU B 1 12.90 7.79 -18.10
N ASN B 2 13.85 8.50 -17.49
CA ASN B 2 14.69 7.91 -16.45
C ASN B 2 14.19 8.32 -15.08
N VAL B 3 13.61 7.37 -14.35
CA VAL B 3 12.96 7.66 -13.08
C VAL B 3 13.93 7.59 -11.91
N LEU B 4 13.84 8.56 -11.00
CA LEU B 4 14.67 8.58 -9.81
C LEU B 4 13.79 8.43 -8.56
N THR B 5 13.97 7.32 -7.86
CA THR B 5 13.19 7.05 -6.65
C THR B 5 14.02 7.31 -5.40
N GLN B 6 13.52 8.17 -4.53
CA GLN B 6 14.22 8.52 -3.31
C GLN B 6 13.56 7.89 -2.08
N SER B 7 14.38 7.43 -1.14
CA SER B 7 13.89 6.90 0.12
C SER B 7 14.85 7.24 1.25
N PRO B 8 14.32 7.44 2.46
CA PRO B 8 12.89 7.34 2.77
C PRO B 8 12.11 8.55 2.27
N ALA B 9 10.79 8.40 2.19
CA ALA B 9 9.91 9.50 1.80
C ALA B 9 9.89 10.56 2.90
N ILE B 10 9.68 10.13 4.13
CA ILE B 10 9.70 11.02 5.28
C ILE B 10 10.68 10.49 6.33
N MET B 11 11.46 11.40 6.91
CA MET B 11 12.48 11.00 7.88
C MET B 11 12.52 11.95 9.07
N SER B 12 12.37 11.39 10.27
CA SER B 12 12.47 12.17 11.50
C SER B 12 13.84 11.98 12.14
N THR B 13 14.46 13.06 12.58
CA THR B 13 15.81 13.00 13.12
C THR B 13 16.05 13.95 14.28
N SER B 14 16.81 13.48 15.26
CA SER B 14 17.23 14.33 16.37
C SER B 14 18.52 15.06 15.98
N PRO B 15 18.58 16.38 16.30
CA PRO B 15 19.76 17.19 15.98
C PRO B 15 21.06 16.58 16.51
N GLY B 16 22.07 16.51 15.66
CA GLY B 16 23.35 15.92 16.02
C GLY B 16 23.53 14.52 15.47
N GLU B 17 22.42 13.86 15.17
CA GLU B 17 22.46 12.53 14.55
C GLU B 17 22.85 12.67 13.08
N LYS B 18 23.35 11.59 12.49
CA LYS B 18 23.64 11.59 11.07
C LYS B 18 22.47 10.97 10.30
N VAL B 19 22.20 11.51 9.11
CA VAL B 19 21.11 11.01 8.28
C VAL B 19 21.59 10.72 6.86
N THR B 20 21.01 9.71 6.24
CA THR B 20 21.36 9.37 4.87
C THR B 20 20.12 9.04 4.05
N MET B 21 20.00 9.70 2.90
CA MET B 21 18.89 9.44 1.99
C MET B 21 19.44 8.90 0.66
N THR B 22 18.70 7.98 0.05
CA THR B 22 19.18 7.30 -1.15
C THR B 22 18.38 7.70 -2.39
N CYS B 23 19.07 7.72 -3.53
CA CYS B 23 18.44 8.02 -4.81
C CYS B 23 18.86 6.98 -5.85
N ARG B 24 17.88 6.23 -6.35
CA ARG B 24 18.17 5.15 -7.30
C ARG B 24 17.50 5.40 -8.64
N ALA B 25 18.26 5.26 -9.71
CA ALA B 25 17.77 5.53 -11.06
C ALA B 25 17.45 4.24 -11.81
N SER B 26 16.40 4.28 -12.62
CA SER B 26 16.02 3.14 -13.44
C SER B 26 17.11 2.86 -14.47
N SER B 27 17.66 3.91 -15.05
CA SER B 27 18.76 3.81 -15.99
C SER B 27 20.02 4.41 -15.39
N SER B 28 21.17 3.88 -15.78
CA SER B 28 22.45 4.35 -15.26
C SER B 28 22.66 5.83 -15.52
N VAL B 29 23.25 6.52 -14.54
CA VAL B 29 23.49 7.95 -14.65
C VAL B 29 24.93 8.28 -14.33
N GLY B 30 25.55 9.12 -15.17
CA GLY B 30 26.91 9.55 -14.94
C GLY B 30 27.05 10.28 -13.62
N SER B 31 28.06 9.90 -12.84
CA SER B 31 28.26 10.47 -11.51
C SER B 31 28.47 11.99 -11.57
N SER B 32 28.86 12.49 -12.73
CA SER B 32 29.08 13.91 -12.92
C SER B 32 27.78 14.67 -13.16
N TYR B 33 26.75 13.95 -13.62
CA TYR B 33 25.50 14.58 -14.03
C TYR B 33 24.39 14.56 -12.97
N LEU B 34 24.65 13.98 -11.81
CA LEU B 34 23.63 13.89 -10.76
C LEU B 34 23.81 14.95 -9.68
N HIS B 35 22.71 15.59 -9.28
CA HIS B 35 22.76 16.70 -8.33
C HIS B 35 21.70 16.59 -7.24
N TRP B 36 21.84 17.39 -6.20
CA TRP B 36 20.89 17.40 -5.08
C TRP B 36 20.39 18.82 -4.82
N TYR B 37 19.10 18.93 -4.49
CA TYR B 37 18.48 20.22 -4.20
C TYR B 37 17.77 20.22 -2.86
N GLN B 38 17.95 21.29 -2.10
CA GLN B 38 17.25 21.45 -0.83
C GLN B 38 16.18 22.53 -0.94
N GLN B 39 14.95 22.18 -0.59
CA GLN B 39 13.85 23.15 -0.66
C GLN B 39 13.17 23.30 0.70
N LYS B 40 13.30 24.49 1.28
CA LYS B 40 12.63 24.80 2.53
C LYS B 40 11.15 25.04 2.26
N SER B 41 10.31 24.77 3.26
CA SER B 41 8.87 24.87 3.10
C SER B 41 8.43 26.28 2.68
N GLY B 42 7.56 26.34 1.68
CA GLY B 42 7.02 27.59 1.20
C GLY B 42 8.06 28.48 0.53
N ALA B 43 9.20 27.89 0.18
CA ALA B 43 10.26 28.62 -0.47
C ALA B 43 10.67 27.97 -1.78
N SER B 44 11.62 28.59 -2.48
CA SER B 44 12.12 28.07 -3.74
C SER B 44 13.22 27.06 -3.50
N PRO B 45 13.35 26.07 -4.41
CA PRO B 45 14.43 25.09 -4.32
C PRO B 45 15.80 25.74 -4.44
N LYS B 46 16.83 25.08 -3.93
CA LYS B 46 18.19 25.58 -4.02
C LYS B 46 19.15 24.46 -4.38
N LEU B 47 20.13 24.76 -5.23
CA LEU B 47 21.16 23.80 -5.57
C LEU B 47 21.99 23.47 -4.32
N TRP B 48 22.09 22.18 -4.01
CA TRP B 48 22.79 21.75 -2.81
C TRP B 48 24.09 21.05 -3.14
N ILE B 49 23.99 19.91 -3.83
CA ILE B 49 25.16 19.17 -4.26
C ILE B 49 25.13 18.92 -5.76
N TYR B 50 26.25 19.16 -6.42
CA TYR B 50 26.36 18.89 -7.84
C TYR B 50 27.49 17.90 -8.13
N SER B 51 27.34 17.14 -9.21
CA SER B 51 28.31 16.13 -9.60
C SER B 51 28.47 15.04 -8.53
N THR B 52 27.41 14.85 -7.75
CA THR B 52 27.35 13.75 -6.78
C THR B 52 28.18 13.98 -5.53
N SER B 53 29.11 14.93 -5.60
CA SER B 53 30.05 15.14 -4.51
C SER B 53 30.14 16.59 -4.06
N ASN B 54 30.62 17.45 -4.96
CA ASN B 54 30.89 18.85 -4.66
C ASN B 54 29.69 19.61 -4.13
N LEU B 55 29.88 20.31 -3.01
CA LEU B 55 28.82 21.12 -2.41
C LEU B 55 28.70 22.46 -3.13
N ALA B 56 27.49 23.00 -3.16
CA ALA B 56 27.26 24.31 -3.76
C ALA B 56 27.76 25.41 -2.83
N SER B 57 27.63 26.66 -3.26
CA SER B 57 28.08 27.79 -2.45
C SER B 57 27.14 28.05 -1.29
N GLY B 58 27.70 28.08 -0.08
CA GLY B 58 26.91 28.37 1.11
C GLY B 58 26.56 27.14 1.91
N VAL B 59 26.63 25.98 1.27
CA VAL B 59 26.31 24.71 1.93
C VAL B 59 27.41 24.34 2.92
N PRO B 60 27.03 24.12 4.20
CA PRO B 60 27.98 23.75 5.25
C PRO B 60 28.67 22.43 4.97
N ALA B 61 29.84 22.22 5.57
CA ALA B 61 30.62 21.01 5.34
C ALA B 61 29.94 19.78 5.93
N ARG B 62 28.90 20.00 6.73
CA ARG B 62 28.18 18.90 7.37
C ARG B 62 27.44 18.06 6.33
N PHE B 63 27.36 18.58 5.10
CA PHE B 63 26.68 17.89 4.01
C PHE B 63 27.67 17.15 3.11
N SER B 64 27.26 15.99 2.62
CA SER B 64 28.09 15.19 1.73
C SER B 64 27.23 14.26 0.87
N GLY B 65 27.82 13.75 -0.20
CA GLY B 65 27.12 12.83 -1.08
C GLY B 65 28.07 11.89 -1.80
N SER B 66 27.54 10.75 -2.24
CA SER B 66 28.36 9.76 -2.93
C SER B 66 27.50 8.80 -3.74
N GLY B 67 28.12 7.77 -4.31
CA GLY B 67 27.42 6.79 -5.12
C GLY B 67 27.73 6.93 -6.60
N SER B 68 27.33 5.93 -7.37
CA SER B 68 27.55 5.94 -8.81
C SER B 68 26.56 5.03 -9.52
N GLY B 69 26.45 5.19 -10.84
CA GLY B 69 25.53 4.37 -11.61
C GLY B 69 24.08 4.64 -11.27
N THR B 70 23.38 3.60 -10.84
CA THR B 70 21.96 3.73 -10.48
C THR B 70 21.77 3.97 -8.99
N SER B 71 22.86 4.11 -8.24
CA SER B 71 22.77 4.28 -6.80
C SER B 71 23.53 5.52 -6.30
N TYR B 72 22.82 6.40 -5.60
CA TYR B 72 23.42 7.59 -5.02
C TYR B 72 22.84 7.88 -3.64
N SER B 73 23.57 8.65 -2.83
CA SER B 73 23.10 8.96 -1.48
C SER B 73 23.58 10.32 -0.99
N LEU B 74 22.73 11.00 -0.23
CA LEU B 74 23.12 12.24 0.44
C LEU B 74 23.20 11.99 1.94
N THR B 75 24.21 12.56 2.59
CA THR B 75 24.43 12.33 4.02
C THR B 75 24.78 13.60 4.77
N ILE B 76 24.15 13.77 5.94
CA ILE B 76 24.47 14.88 6.83
C ILE B 76 25.15 14.35 8.08
N SER B 77 26.38 14.80 8.33
CA SER B 77 27.15 14.31 9.47
C SER B 77 26.47 14.65 10.79
N SER B 78 26.27 15.94 11.03
CA SER B 78 25.54 16.40 12.21
C SER B 78 24.34 17.22 11.79
N VAL B 79 23.15 16.68 12.00
CA VAL B 79 21.93 17.35 11.58
C VAL B 79 21.60 18.51 12.51
N GLU B 80 21.05 19.58 11.94
CA GLU B 80 20.61 20.73 12.72
C GLU B 80 19.18 21.10 12.33
N ALA B 81 18.52 21.87 13.18
CA ALA B 81 17.13 22.26 12.94
C ALA B 81 16.98 23.05 11.65
N GLU B 82 18.03 23.77 11.28
CA GLU B 82 18.04 24.56 10.06
C GLU B 82 18.14 23.69 8.81
N ASP B 83 18.51 22.42 9.01
CA ASP B 83 18.66 21.50 7.89
C ASP B 83 17.36 20.81 7.52
N ALA B 84 16.30 21.08 8.28
CA ALA B 84 15.03 20.44 8.00
C ALA B 84 14.45 21.00 6.70
N ALA B 85 14.23 20.10 5.74
CA ALA B 85 13.74 20.49 4.42
C ALA B 85 13.40 19.25 3.60
N THR B 86 13.00 19.47 2.35
CA THR B 86 12.79 18.38 1.42
C THR B 86 13.88 18.40 0.37
N TYR B 87 14.59 17.28 0.21
CA TYR B 87 15.73 17.20 -0.68
C TYR B 87 15.42 16.43 -1.95
N TYR B 88 15.82 17.00 -3.09
CA TYR B 88 15.55 16.38 -4.39
C TYR B 88 16.83 16.10 -5.17
N CYS B 89 17.08 14.81 -5.42
CA CYS B 89 18.16 14.40 -6.32
C CYS B 89 17.70 14.53 -7.77
N GLN B 90 18.65 14.70 -8.69
CA GLN B 90 18.30 14.86 -10.10
C GLN B 90 19.38 14.37 -11.05
N GLN B 91 19.00 14.03 -12.28
CA GLN B 91 19.94 13.56 -13.29
C GLN B 91 19.84 14.36 -14.58
N PHE B 92 20.97 14.91 -15.03
CA PHE B 92 21.02 15.64 -16.29
C PHE B 92 21.59 14.79 -17.43
N SER B 93 21.90 13.53 -17.13
CA SER B 93 22.54 12.64 -18.11
C SER B 93 21.82 12.63 -19.46
N GLY B 94 20.49 12.65 -19.43
CA GLY B 94 19.72 12.65 -20.65
C GLY B 94 18.34 13.26 -20.48
N TYR B 95 17.76 13.70 -21.59
CA TYR B 95 16.42 14.27 -21.60
C TYR B 95 15.37 13.19 -21.79
N PRO B 96 14.17 13.39 -21.22
CA PRO B 96 13.86 14.58 -20.43
C PRO B 96 14.52 14.55 -19.06
N LEU B 97 14.84 15.72 -18.52
CA LEU B 97 15.41 15.84 -17.18
C LEU B 97 14.38 15.40 -16.14
N THR B 98 14.83 14.67 -15.12
CA THR B 98 13.93 14.14 -14.12
C THR B 98 14.43 14.32 -12.69
N PHE B 99 13.59 14.93 -11.86
CA PHE B 99 13.84 15.03 -10.42
C PHE B 99 13.45 13.73 -9.73
N GLY B 100 14.04 13.47 -8.57
CA GLY B 100 13.68 12.31 -7.77
C GLY B 100 12.37 12.54 -7.04
N SER B 101 11.94 11.55 -6.26
CA SER B 101 10.70 11.65 -5.50
C SER B 101 10.87 12.61 -4.32
N GLY B 102 12.09 12.69 -3.80
CA GLY B 102 12.41 13.62 -2.74
C GLY B 102 12.30 13.00 -1.35
N THR B 103 13.12 13.50 -0.42
CA THR B 103 13.09 13.05 0.95
C THR B 103 12.77 14.20 1.90
N LYS B 104 11.73 14.04 2.71
CA LYS B 104 11.32 15.09 3.62
C LYS B 104 11.93 14.87 5.00
N LEU B 105 12.82 15.77 5.39
CA LEU B 105 13.51 15.68 6.68
C LEU B 105 12.84 16.53 7.75
N GLU B 106 12.27 15.87 8.75
CA GLU B 106 11.62 16.57 9.85
C GLU B 106 12.34 16.29 11.17
N MET B 107 12.43 17.31 12.02
CA MET B 107 13.05 17.14 13.33
C MET B 107 12.14 16.36 14.26
N LYS B 108 12.73 15.66 15.22
CA LYS B 108 11.95 14.93 16.22
C LYS B 108 12.24 15.47 17.62
N ARG B 109 11.18 15.64 18.41
CA ARG B 109 11.30 16.21 19.74
C ARG B 109 10.55 15.38 20.78
N ALA B 110 10.51 15.88 22.00
CA ALA B 110 9.75 15.24 23.07
C ALA B 110 8.26 15.31 22.76
N ASP B 111 7.54 14.24 23.10
CA ASP B 111 6.10 14.19 22.84
C ASP B 111 5.35 15.26 23.63
N ALA B 112 4.44 15.95 22.95
CA ALA B 112 3.65 17.00 23.59
C ALA B 112 2.17 16.77 23.36
N ALA B 113 1.38 16.85 24.43
CA ALA B 113 -0.07 16.70 24.33
C ALA B 113 -0.68 17.91 23.64
N PRO B 114 -1.68 17.68 22.77
CA PRO B 114 -2.32 18.76 22.03
C PRO B 114 -3.18 19.64 22.94
N THR B 115 -3.22 20.94 22.64
CA THR B 115 -4.09 21.85 23.37
C THR B 115 -5.33 22.11 22.53
N VAL B 116 -6.45 21.56 22.99
CA VAL B 116 -7.67 21.52 22.17
C VAL B 116 -8.67 22.61 22.54
N SER B 117 -9.22 23.26 21.52
CA SER B 117 -10.21 24.30 21.70
C SER B 117 -11.36 24.14 20.70
N ILE B 118 -12.59 24.09 21.19
CA ILE B 118 -13.75 23.94 20.33
C ILE B 118 -14.52 25.25 20.22
N PHE B 119 -15.04 25.54 19.03
CA PHE B 119 -15.80 26.76 18.79
C PHE B 119 -17.13 26.47 18.12
N PRO B 120 -18.19 27.17 18.55
CA PRO B 120 -19.52 27.08 17.94
C PRO B 120 -19.60 27.87 16.63
N PRO B 121 -20.56 27.53 15.76
CA PRO B 121 -20.74 28.24 14.50
C PRO B 121 -21.01 29.73 14.71
N SER B 122 -20.36 30.58 13.91
CA SER B 122 -20.56 32.02 14.00
C SER B 122 -21.99 32.39 13.63
N SER B 123 -22.48 33.47 14.22
CA SER B 123 -23.86 33.91 13.99
C SER B 123 -24.06 34.42 12.57
N GLU B 124 -23.00 35.00 11.99
CA GLU B 124 -23.08 35.53 10.65
C GLU B 124 -23.13 34.41 9.61
N GLN B 125 -22.65 33.23 9.98
CA GLN B 125 -22.72 32.07 9.12
C GLN B 125 -24.11 31.45 9.16
N LEU B 126 -24.68 31.38 10.37
CA LEU B 126 -26.00 30.83 10.58
C LEU B 126 -27.07 31.59 9.81
N THR B 127 -26.81 32.86 9.55
CA THR B 127 -27.70 33.69 8.75
C THR B 127 -27.55 33.37 7.27
N SER B 128 -26.39 32.82 6.91
CA SER B 128 -26.10 32.46 5.53
C SER B 128 -26.74 31.12 5.17
N GLY B 129 -27.21 30.40 6.18
CA GLY B 129 -27.86 29.12 5.98
C GLY B 129 -26.99 27.94 6.34
N GLY B 130 -25.68 28.16 6.40
CA GLY B 130 -24.76 27.12 6.83
C GLY B 130 -24.34 27.24 8.28
N ALA B 131 -23.87 26.12 8.84
CA ALA B 131 -23.28 26.13 10.18
C ALA B 131 -22.08 25.18 10.22
N SER B 132 -20.94 25.68 10.66
CA SER B 132 -19.73 24.86 10.70
C SER B 132 -19.00 24.97 12.03
N VAL B 133 -18.86 23.85 12.72
CA VAL B 133 -18.16 23.80 13.99
C VAL B 133 -16.67 23.60 13.76
N VAL B 134 -15.85 24.42 14.41
CA VAL B 134 -14.41 24.34 14.25
C VAL B 134 -13.74 23.86 15.53
N CYS B 135 -12.72 23.02 15.37
CA CYS B 135 -11.95 22.53 16.52
C CYS B 135 -10.45 22.60 16.24
N PHE B 136 -9.72 23.21 17.16
CA PHE B 136 -8.28 23.36 16.99
C PHE B 136 -7.49 22.44 17.92
N LEU B 137 -6.46 21.82 17.37
CA LEU B 137 -5.50 21.05 18.16
C LEU B 137 -4.11 21.59 17.88
N ASN B 138 -3.48 22.18 18.89
CA ASN B 138 -2.24 22.93 18.67
C ASN B 138 -1.05 22.46 19.50
N ASN B 139 0.13 22.55 18.90
CA ASN B 139 1.39 22.31 19.59
C ASN B 139 1.49 20.92 20.21
N PHE B 140 1.58 19.91 19.34
CA PHE B 140 1.71 18.52 19.80
C PHE B 140 2.68 17.75 18.90
N TYR B 141 3.23 16.67 19.43
CA TYR B 141 4.11 15.79 18.66
C TYR B 141 3.87 14.34 19.07
N PRO B 142 3.94 13.41 18.09
CA PRO B 142 4.14 13.64 16.67
C PRO B 142 2.90 14.18 15.96
N LYS B 143 2.95 14.26 14.63
CA LYS B 143 1.91 14.90 13.84
C LYS B 143 0.61 14.11 13.75
N ASP B 144 0.71 12.78 13.64
CA ASP B 144 -0.47 11.95 13.47
C ASP B 144 -1.43 12.12 14.64
N ILE B 145 -2.68 12.46 14.32
CA ILE B 145 -3.70 12.65 15.33
C ILE B 145 -5.08 12.35 14.71
N ASN B 146 -6.03 11.96 15.55
CA ASN B 146 -7.32 11.50 15.06
C ASN B 146 -8.49 12.20 15.75
N VAL B 147 -9.55 12.47 14.99
CA VAL B 147 -10.66 13.25 15.52
C VAL B 147 -12.05 12.69 15.16
N LYS B 148 -12.81 12.32 16.19
CA LYS B 148 -14.23 12.02 16.05
C LYS B 148 -15.03 13.31 16.04
N TRP B 149 -16.21 13.29 15.43
CA TRP B 149 -17.13 14.41 15.53
C TRP B 149 -18.49 13.93 16.00
N LYS B 150 -18.92 14.43 17.16
CA LYS B 150 -20.17 13.99 17.75
C LYS B 150 -21.13 15.18 17.94
N ILE B 151 -22.20 15.19 17.16
CA ILE B 151 -23.26 16.19 17.30
C ILE B 151 -24.17 15.77 18.45
N ASP B 152 -23.98 14.53 18.87
CA ASP B 152 -24.71 13.92 19.97
C ASP B 152 -23.83 12.80 20.49
N GLY B 153 -24.40 11.92 21.30
CA GLY B 153 -23.68 10.71 21.70
C GLY B 153 -23.16 9.96 20.48
N SER B 154 -23.85 10.13 19.36
CA SER B 154 -23.47 9.52 18.09
C SER B 154 -22.33 10.27 17.40
N GLU B 155 -21.60 9.55 16.54
CA GLU B 155 -20.47 10.12 15.81
C GLU B 155 -20.82 10.43 14.36
N ARG B 156 -20.35 11.56 13.85
CA ARG B 156 -20.60 11.93 12.45
C ARG B 156 -19.29 12.11 11.66
N GLN B 157 -19.07 11.21 10.71
CA GLN B 157 -17.85 11.22 9.89
C GLN B 157 -17.90 12.18 8.70
N ASN B 158 -19.03 12.22 8.01
CA ASN B 158 -19.15 12.96 6.75
C ASN B 158 -19.05 14.47 6.91
N GLY B 159 -18.55 15.14 5.87
CA GLY B 159 -18.47 16.59 5.86
C GLY B 159 -17.50 17.16 6.87
N VAL B 160 -16.25 16.71 6.82
CA VAL B 160 -15.22 17.18 7.74
C VAL B 160 -13.93 17.54 7.02
N LEU B 161 -13.41 18.74 7.28
CA LEU B 161 -12.17 19.19 6.66
C LEU B 161 -11.06 19.33 7.70
N ASN B 162 -10.07 18.45 7.62
CA ASN B 162 -8.91 18.51 8.51
C ASN B 162 -7.75 19.21 7.82
N SER B 163 -7.03 20.05 8.55
CA SER B 163 -5.84 20.70 8.02
C SER B 163 -4.66 20.65 8.99
N TRP B 164 -3.59 19.97 8.58
CA TRP B 164 -2.35 19.97 9.34
C TRP B 164 -1.47 21.15 8.97
N THR B 165 -0.73 21.67 9.95
CA THR B 165 0.24 22.71 9.68
C THR B 165 1.60 22.10 9.38
N ASP B 166 2.59 22.96 9.10
CA ASP B 166 3.95 22.48 8.91
C ASP B 166 4.70 22.53 10.24
N GLN B 167 5.95 22.10 10.24
CA GLN B 167 6.72 22.03 11.47
C GLN B 167 7.09 23.42 11.96
N ASP B 168 6.76 23.70 13.22
CA ASP B 168 7.09 24.98 13.83
C ASP B 168 8.60 25.16 13.89
N SER B 169 9.07 26.33 13.47
CA SER B 169 10.51 26.59 13.40
C SER B 169 11.13 26.73 14.78
N LYS B 170 10.30 26.77 15.82
CA LYS B 170 10.79 26.95 17.18
C LYS B 170 10.61 25.70 18.05
N ASP B 171 9.37 25.40 18.41
CA ASP B 171 9.10 24.30 19.34
C ASP B 171 8.96 22.95 18.63
N SER B 172 8.94 22.99 17.30
CA SER B 172 8.89 21.77 16.50
C SER B 172 7.64 20.92 16.75
N THR B 173 6.57 21.56 17.21
CA THR B 173 5.30 20.86 17.38
C THR B 173 4.37 21.18 16.21
N TYR B 174 3.18 20.60 16.22
CA TYR B 174 2.25 20.77 15.10
C TYR B 174 0.86 21.20 15.56
N SER B 175 -0.02 21.43 14.59
CA SER B 175 -1.39 21.85 14.87
C SER B 175 -2.35 21.36 13.80
N MET B 176 -3.56 21.01 14.22
CA MET B 176 -4.59 20.56 13.28
C MET B 176 -5.88 21.37 13.41
N SER B 177 -6.53 21.61 12.27
CA SER B 177 -7.81 22.30 12.24
C SER B 177 -8.88 21.39 11.67
N SER B 178 -9.86 21.02 12.50
CA SER B 178 -10.93 20.15 12.06
C SER B 178 -12.26 20.92 11.98
N THR B 179 -12.88 20.90 10.81
CA THR B 179 -14.11 21.64 10.59
C THR B 179 -15.27 20.74 10.18
N LEU B 180 -16.29 20.68 11.03
CA LEU B 180 -17.51 19.93 10.74
C LEU B 180 -18.58 20.87 10.20
N THR B 181 -19.00 20.64 8.96
CA THR B 181 -19.96 21.53 8.30
C THR B 181 -21.39 20.98 8.32
N LEU B 182 -22.33 21.84 8.68
CA LEU B 182 -23.74 21.48 8.74
C LEU B 182 -24.60 22.60 8.15
N THR B 183 -25.85 22.29 7.85
CA THR B 183 -26.80 23.31 7.45
C THR B 183 -27.29 24.06 8.69
N LYS B 184 -27.73 25.30 8.49
CA LYS B 184 -28.26 26.10 9.60
C LYS B 184 -29.44 25.37 10.24
N ASP B 185 -30.09 24.52 9.46
CA ASP B 185 -31.17 23.69 9.95
C ASP B 185 -30.63 22.54 10.80
N GLU B 186 -29.87 21.66 10.15
CA GLU B 186 -29.31 20.48 10.79
C GLU B 186 -28.56 20.79 12.08
N TYR B 187 -27.92 21.95 12.13
CA TYR B 187 -27.15 22.35 13.30
C TYR B 187 -28.06 22.73 14.48
N GLU B 188 -29.17 23.38 14.18
CA GLU B 188 -30.06 23.89 15.21
C GLU B 188 -31.00 22.82 15.76
N ARG B 189 -30.97 21.64 15.15
CA ARG B 189 -31.81 20.53 15.60
C ARG B 189 -31.21 19.81 16.81
N HIS B 190 -29.90 19.95 16.98
CA HIS B 190 -29.18 19.32 18.08
C HIS B 190 -28.49 20.38 18.93
N ASN B 191 -28.12 20.03 20.16
CA ASN B 191 -27.55 21.02 21.08
C ASN B 191 -26.06 20.80 21.37
N SER B 192 -25.72 19.66 21.98
CA SER B 192 -24.37 19.44 22.47
C SER B 192 -23.46 18.80 21.44
N TYR B 193 -22.44 19.55 21.02
CA TYR B 193 -21.45 19.05 20.07
C TYR B 193 -20.14 18.77 20.78
N THR B 194 -19.48 17.68 20.39
CA THR B 194 -18.25 17.27 21.04
C THR B 194 -17.08 17.13 20.07
N CYS B 195 -15.93 17.65 20.47
CA CYS B 195 -14.70 17.46 19.70
C CYS B 195 -13.76 16.57 20.52
N GLU B 196 -12.60 16.26 19.97
CA GLU B 196 -11.68 15.35 20.64
C GLU B 196 -10.23 15.48 20.19
N ALA B 197 -9.32 15.01 21.05
CA ALA B 197 -7.96 14.75 20.64
C ALA B 197 -7.60 13.31 20.98
N THR B 198 -7.43 12.49 19.95
CA THR B 198 -6.97 11.12 20.15
C THR B 198 -5.52 11.06 19.72
N HIS B 199 -4.62 10.91 20.68
CA HIS B 199 -3.20 11.07 20.42
C HIS B 199 -2.37 10.04 21.16
N LYS B 200 -1.10 9.93 20.76
CA LYS B 200 -0.16 9.01 21.39
C LYS B 200 0.13 9.41 22.83
N THR B 201 -0.10 10.69 23.14
CA THR B 201 0.24 11.23 24.45
C THR B 201 -0.68 10.76 25.57
N SER B 202 -1.80 10.14 25.20
CA SER B 202 -2.76 9.68 26.21
C SER B 202 -3.55 8.47 25.77
N THR B 203 -3.93 7.64 26.75
CA THR B 203 -4.81 6.50 26.49
C THR B 203 -6.25 6.99 26.38
N SER B 204 -6.55 8.04 27.13
CA SER B 204 -7.86 8.68 27.06
C SER B 204 -7.85 9.79 26.01
N PRO B 205 -8.98 9.94 25.29
CA PRO B 205 -9.10 11.04 24.32
C PRO B 205 -9.29 12.39 25.01
N ILE B 206 -8.67 13.43 24.49
CA ILE B 206 -8.88 14.78 25.03
C ILE B 206 -10.19 15.32 24.47
N VAL B 207 -11.13 15.62 25.37
CA VAL B 207 -12.47 16.00 24.94
C VAL B 207 -12.78 17.47 25.16
N LYS B 208 -13.37 18.09 24.15
CA LYS B 208 -13.87 19.45 24.26
C LYS B 208 -15.32 19.49 23.76
N SER B 209 -16.24 19.79 24.67
CA SER B 209 -17.66 19.77 24.33
C SER B 209 -18.36 21.08 24.69
N PHE B 210 -19.21 21.54 23.77
CA PHE B 210 -20.00 22.75 24.02
C PHE B 210 -21.46 22.48 23.73
N ASN B 211 -22.33 23.21 24.40
CA ASN B 211 -23.77 23.10 24.16
C ASN B 211 -24.34 24.45 23.72
N ARG B 212 -25.52 24.42 23.09
CA ARG B 212 -26.16 25.65 22.63
C ARG B 212 -26.97 26.28 23.76
N ASN B 213 -26.96 25.64 24.92
CA ASN B 213 -27.69 26.15 26.09
C ASN B 213 -27.09 27.45 26.60
N GLU B 214 -25.77 27.56 26.53
CA GLU B 214 -25.06 28.74 27.00
C GLU B 214 -24.72 29.69 25.86
N GLU C 1 22.78 39.73 -5.99
CA GLU C 1 23.38 39.66 -7.31
C GLU C 1 22.38 39.15 -8.34
N VAL C 2 22.41 37.84 -8.61
CA VAL C 2 21.51 37.23 -9.56
C VAL C 2 20.08 37.16 -9.01
N GLN C 3 19.11 37.51 -9.84
CA GLN C 3 17.72 37.49 -9.43
C GLN C 3 16.82 36.99 -10.56
N LEU C 4 15.87 36.13 -10.20
CA LEU C 4 14.90 35.62 -11.16
C LEU C 4 13.48 35.81 -10.63
N VAL C 5 12.64 36.45 -11.43
CA VAL C 5 11.27 36.72 -11.01
C VAL C 5 10.26 36.23 -12.05
N GLU C 6 9.45 35.25 -11.67
CA GLU C 6 8.41 34.73 -12.55
C GLU C 6 7.16 35.59 -12.46
N SER C 7 6.61 35.97 -13.61
CA SER C 7 5.40 36.77 -13.64
C SER C 7 4.28 36.01 -14.35
N GLY C 8 3.12 36.63 -14.48
CA GLY C 8 1.97 36.01 -15.11
C GLY C 8 1.44 34.85 -14.29
N GLY C 9 0.57 34.06 -14.91
CA GLY C 9 -0.01 32.91 -14.23
C GLY C 9 -1.26 33.28 -13.46
N GLY C 10 -2.16 32.32 -13.31
CA GLY C 10 -3.42 32.56 -12.63
C GLY C 10 -4.42 31.48 -12.96
N LEU C 11 -5.71 31.80 -12.81
CA LEU C 11 -6.77 30.85 -13.11
C LEU C 11 -7.09 30.83 -14.60
N VAL C 12 -6.96 29.67 -15.21
CA VAL C 12 -7.32 29.47 -16.60
C VAL C 12 -8.22 28.25 -16.74
N LYS C 13 -9.16 28.28 -17.67
CA LYS C 13 -10.07 27.16 -17.87
C LYS C 13 -9.46 26.17 -18.85
N PRO C 14 -9.79 24.88 -18.67
CA PRO C 14 -9.23 23.79 -19.49
C PRO C 14 -9.40 24.04 -20.99
N GLY C 15 -8.32 23.87 -21.73
CA GLY C 15 -8.33 24.13 -23.16
C GLY C 15 -7.80 25.52 -23.46
N GLY C 16 -7.77 26.38 -22.46
CA GLY C 16 -7.29 27.73 -22.61
C GLY C 16 -5.79 27.82 -22.83
N SER C 17 -5.30 29.03 -23.09
CA SER C 17 -3.88 29.23 -23.32
C SER C 17 -3.35 30.42 -22.53
N LEU C 18 -2.13 30.30 -22.02
CA LEU C 18 -1.50 31.38 -21.26
C LEU C 18 0.02 31.32 -21.39
N LYS C 19 0.67 32.47 -21.27
CA LYS C 19 2.13 32.50 -21.34
C LYS C 19 2.73 33.15 -20.09
N LEU C 20 3.82 32.55 -19.60
CA LEU C 20 4.48 33.03 -18.40
C LEU C 20 5.83 33.66 -18.75
N SER C 21 6.24 34.65 -17.98
CA SER C 21 7.50 35.34 -18.22
C SER C 21 8.44 35.22 -17.01
N CYS C 22 9.74 35.26 -17.28
CA CYS C 22 10.75 35.22 -16.22
C CYS C 22 11.75 36.35 -16.41
N ALA C 23 11.81 37.26 -15.44
CA ALA C 23 12.72 38.38 -15.51
C ALA C 23 14.09 38.00 -14.96
N ALA C 24 15.13 38.29 -15.73
CA ALA C 24 16.49 37.93 -15.34
C ALA C 24 17.39 39.16 -15.19
N SER C 25 18.21 39.15 -14.14
CA SER C 25 19.16 40.22 -13.90
C SER C 25 20.32 39.75 -13.01
N GLY C 26 21.41 40.49 -13.02
CA GLY C 26 22.55 40.18 -12.16
C GLY C 26 23.61 39.34 -12.83
N PHE C 27 23.37 38.96 -14.07
CA PHE C 27 24.30 38.14 -14.83
C PHE C 27 24.09 38.36 -16.32
N THR C 28 25.05 37.95 -17.14
CA THR C 28 24.87 38.06 -18.57
C THR C 28 23.88 36.98 -18.99
N PHE C 29 22.75 37.41 -19.55
CA PHE C 29 21.62 36.51 -19.76
C PHE C 29 21.81 35.60 -20.95
N SER C 30 22.47 36.11 -21.99
CA SER C 30 22.67 35.35 -23.22
C SER C 30 23.69 34.23 -23.05
N SER C 31 24.39 34.22 -21.91
CA SER C 31 25.45 33.25 -21.68
C SER C 31 24.97 32.01 -20.92
N TYR C 32 23.69 31.99 -20.54
CA TYR C 32 23.17 30.89 -19.74
C TYR C 32 21.87 30.32 -20.32
N ALA C 33 21.83 28.99 -20.44
CA ALA C 33 20.62 28.30 -20.85
C ALA C 33 19.60 28.30 -19.72
N MET C 34 18.32 28.40 -20.06
CA MET C 34 17.27 28.45 -19.05
C MET C 34 16.31 27.27 -19.20
N SER C 35 15.63 26.93 -18.11
CA SER C 35 14.68 25.83 -18.12
C SER C 35 13.48 26.15 -17.25
N TRP C 36 12.34 25.53 -17.55
CA TRP C 36 11.14 25.69 -16.74
C TRP C 36 10.84 24.43 -15.94
N VAL C 37 10.81 24.56 -14.62
CA VAL C 37 10.47 23.44 -13.75
C VAL C 37 9.23 23.77 -12.93
N ARG C 38 8.25 22.88 -12.96
CA ARG C 38 6.99 23.09 -12.25
C ARG C 38 6.86 22.12 -11.08
N GLN C 39 6.15 22.55 -10.04
CA GLN C 39 5.92 21.71 -8.87
C GLN C 39 4.43 21.54 -8.62
N SER C 40 3.96 20.31 -8.69
CA SER C 40 2.54 20.00 -8.52
C SER C 40 2.08 20.27 -7.09
N PRO C 41 0.75 20.33 -6.89
CA PRO C 41 0.18 20.49 -5.55
C PRO C 41 0.54 19.32 -4.63
N GLU C 42 0.99 18.22 -5.23
CA GLU C 42 1.50 17.09 -4.47
C GLU C 42 3.00 17.26 -4.22
N LYS C 43 3.51 18.40 -4.69
CA LYS C 43 4.88 18.82 -4.40
C LYS C 43 5.96 17.92 -5.02
N ARG C 44 5.73 17.46 -6.24
CA ARG C 44 6.77 16.75 -6.98
C ARG C 44 7.32 17.63 -8.09
N LEU C 45 8.65 17.64 -8.23
CA LEU C 45 9.29 18.48 -9.24
C LEU C 45 9.31 17.80 -10.60
N GLU C 46 8.88 18.52 -11.63
CA GLU C 46 8.88 18.02 -12.98
C GLU C 46 9.45 19.04 -13.96
N TRP C 47 10.50 18.65 -14.66
CA TRP C 47 11.11 19.51 -15.67
C TRP C 47 10.17 19.65 -16.87
N VAL C 48 9.99 20.88 -17.34
CA VAL C 48 9.09 21.15 -18.45
C VAL C 48 9.85 21.29 -19.76
N ALA C 49 10.69 22.31 -19.85
CA ALA C 49 11.45 22.58 -21.07
C ALA C 49 12.77 23.27 -20.78
N GLU C 50 13.68 23.23 -21.76
CA GLU C 50 14.96 23.91 -21.65
C GLU C 50 15.30 24.65 -22.94
N ILE C 51 15.69 25.91 -22.81
CA ILE C 51 16.14 26.68 -23.97
C ILE C 51 17.62 27.01 -23.83
N SER C 52 18.33 27.01 -24.95
CA SER C 52 19.77 27.24 -24.95
C SER C 52 20.10 28.70 -24.68
N SER C 53 21.41 29.01 -24.67
CA SER C 53 21.87 30.38 -24.45
C SER C 53 21.47 31.26 -25.63
N GLY C 54 21.59 30.72 -26.84
CA GLY C 54 21.21 31.42 -28.04
C GLY C 54 19.77 31.09 -28.42
N GLY C 55 19.22 30.06 -27.78
CA GLY C 55 17.85 29.64 -28.04
C GLY C 55 17.75 28.76 -29.27
N ARG C 56 18.88 28.25 -29.73
CA ARG C 56 18.92 27.43 -30.93
C ARG C 56 18.75 25.95 -30.62
N TYR C 57 18.76 25.61 -29.32
CA TYR C 57 18.56 24.24 -28.89
C TYR C 57 17.44 24.15 -27.87
N ILE C 58 16.36 23.45 -28.24
CA ILE C 58 15.18 23.36 -27.39
C ILE C 58 14.88 21.91 -27.00
N TYR C 59 14.46 21.72 -25.75
CA TYR C 59 14.06 20.40 -25.27
C TYR C 59 12.77 20.48 -24.46
N TYR C 60 11.86 19.54 -24.70
CA TYR C 60 10.59 19.49 -24.00
C TYR C 60 10.36 18.15 -23.33
N SER C 61 9.52 18.13 -22.30
CA SER C 61 9.07 16.89 -21.70
C SER C 61 7.96 16.31 -22.57
N ASP C 62 7.78 15.00 -22.53
CA ASP C 62 6.80 14.33 -23.37
C ASP C 62 5.37 14.71 -22.98
N THR C 63 5.22 15.27 -21.78
CA THR C 63 3.90 15.67 -21.29
C THR C 63 3.41 16.95 -21.97
N VAL C 64 4.25 17.98 -21.98
CA VAL C 64 3.88 19.29 -22.50
C VAL C 64 4.31 19.53 -23.93
N THR C 65 4.93 18.52 -24.56
CA THR C 65 5.51 18.69 -25.88
C THR C 65 4.49 19.08 -26.94
N GLY C 66 4.76 20.17 -27.64
CA GLY C 66 3.93 20.64 -28.73
C GLY C 66 2.82 21.56 -28.26
N ARG C 67 2.43 21.41 -27.01
CA ARG C 67 1.45 22.31 -26.39
C ARG C 67 2.14 23.57 -25.88
N PHE C 68 3.31 23.40 -25.28
CA PHE C 68 4.05 24.53 -24.71
C PHE C 68 5.15 24.98 -25.67
N THR C 69 5.35 26.29 -25.74
CA THR C 69 6.42 26.87 -26.56
C THR C 69 7.29 27.79 -25.72
N ILE C 70 8.55 27.41 -25.55
CA ILE C 70 9.49 28.20 -24.76
C ILE C 70 10.29 29.13 -25.65
N SER C 71 10.21 30.43 -25.38
CA SER C 71 10.93 31.42 -26.17
C SER C 71 12.01 32.12 -25.35
N ARG C 72 12.80 32.96 -26.00
CA ARG C 72 13.85 33.71 -25.33
C ARG C 72 14.06 35.10 -25.95
N ASP C 73 14.18 36.11 -25.10
CA ASP C 73 14.60 37.43 -25.56
C ASP C 73 15.84 37.86 -24.78
N ASN C 74 16.98 37.93 -25.47
CA ASN C 74 18.24 38.26 -24.82
C ASN C 74 18.49 39.75 -24.76
N ALA C 75 17.70 40.52 -25.51
CA ALA C 75 17.83 41.97 -25.51
C ALA C 75 17.32 42.57 -24.21
N ARG C 76 16.10 42.19 -23.84
CA ARG C 76 15.48 42.69 -22.61
C ARG C 76 15.69 41.73 -21.44
N ASN C 77 16.42 40.65 -21.69
CA ASN C 77 16.70 39.64 -20.66
C ASN C 77 15.44 39.01 -20.09
N ILE C 78 14.57 38.52 -20.98
CA ILE C 78 13.32 37.91 -20.55
C ILE C 78 13.14 36.51 -21.11
N LEU C 79 12.72 35.59 -20.25
CA LEU C 79 12.43 34.21 -20.65
C LEU C 79 10.93 33.99 -20.70
N HIS C 80 10.46 33.35 -21.78
CA HIS C 80 9.02 33.16 -21.97
C HIS C 80 8.63 31.70 -22.13
N LEU C 81 7.45 31.36 -21.63
CA LEU C 81 6.85 30.06 -21.88
C LEU C 81 5.39 30.26 -22.30
N GLU C 82 5.08 29.90 -23.54
CA GLU C 82 3.73 30.07 -24.07
C GLU C 82 3.02 28.73 -24.15
N MET C 83 1.95 28.58 -23.36
CA MET C 83 1.23 27.32 -23.34
C MET C 83 -0.02 27.38 -24.22
N SER C 84 -0.68 26.23 -24.38
CA SER C 84 -1.93 26.16 -25.11
C SER C 84 -2.67 24.87 -24.75
N SER C 85 -3.98 24.86 -24.99
CA SER C 85 -4.80 23.68 -24.71
C SER C 85 -4.52 23.10 -23.34
N LEU C 86 -4.41 23.97 -22.34
CA LEU C 86 -4.04 23.58 -20.98
C LEU C 86 -5.02 22.56 -20.40
N ARG C 87 -4.49 21.66 -19.58
CA ARG C 87 -5.30 20.63 -18.94
C ARG C 87 -5.17 20.72 -17.43
N SER C 88 -6.10 20.09 -16.72
CA SER C 88 -6.16 20.17 -15.26
C SER C 88 -4.89 19.64 -14.59
N GLU C 89 -4.18 18.75 -15.26
CA GLU C 89 -2.96 18.17 -14.70
C GLU C 89 -1.76 19.09 -14.92
N ASP C 90 -1.99 20.20 -15.62
CA ASP C 90 -0.92 21.16 -15.86
C ASP C 90 -0.79 22.14 -14.70
N THR C 91 -1.66 21.99 -13.70
CA THR C 91 -1.67 22.89 -12.56
C THR C 91 -0.45 22.68 -11.67
N ALA C 92 0.32 23.74 -11.47
CA ALA C 92 1.49 23.69 -10.61
C ALA C 92 2.06 25.08 -10.40
N MET C 93 3.14 25.17 -9.63
CA MET C 93 3.88 26.41 -9.50
C MET C 93 5.12 26.35 -10.37
N TYR C 94 5.21 27.26 -11.35
CA TYR C 94 6.28 27.20 -12.33
C TYR C 94 7.51 27.99 -11.90
N TYR C 95 8.67 27.34 -11.99
CA TYR C 95 9.93 27.96 -11.59
C TYR C 95 10.83 28.25 -12.79
N CYS C 96 11.49 29.39 -12.75
CA CYS C 96 12.48 29.76 -13.77
C CYS C 96 13.89 29.51 -13.23
N ALA C 97 14.68 28.72 -13.94
CA ALA C 97 15.99 28.34 -13.44
C ALA C 97 17.04 28.15 -14.54
N ARG C 98 18.31 28.24 -14.14
CA ARG C 98 19.45 28.02 -15.03
C ARG C 98 20.46 27.12 -14.33
N GLY C 99 20.91 26.05 -15.00
CA GLY C 99 20.47 25.69 -16.33
C GLY C 99 21.49 25.83 -17.45
N GLU C 100 22.59 26.53 -17.21
CA GLU C 100 23.62 26.66 -18.24
C GLU C 100 24.56 25.46 -18.34
N VAL C 101 25.08 25.01 -17.20
CA VAL C 101 26.06 23.91 -17.20
C VAL C 101 25.43 22.63 -16.67
N ARG C 102 25.40 21.61 -17.53
CA ARG C 102 24.69 20.37 -17.24
C ARG C 102 25.34 19.59 -16.11
N GLN C 103 26.65 19.79 -15.92
CA GLN C 103 27.37 19.10 -14.86
C GLN C 103 27.17 19.73 -13.48
N ARG C 104 26.91 21.03 -13.45
CA ARG C 104 26.71 21.73 -12.17
C ARG C 104 25.24 21.94 -11.80
N GLY C 105 24.33 21.51 -12.68
CA GLY C 105 22.90 21.58 -12.40
C GLY C 105 22.31 22.97 -12.51
N PHE C 106 21.16 23.18 -11.87
CA PHE C 106 20.53 24.50 -11.82
C PHE C 106 21.00 25.24 -10.56
N ASP C 107 21.79 26.29 -10.73
CA ASP C 107 22.35 26.99 -9.58
C ASP C 107 21.51 28.19 -9.13
N TYR C 108 20.50 28.57 -9.91
CA TYR C 108 19.64 29.69 -9.51
C TYR C 108 18.18 29.47 -9.88
N TRP C 109 17.30 29.70 -8.90
CA TRP C 109 15.85 29.56 -9.10
C TRP C 109 15.14 30.85 -8.74
N GLY C 110 13.93 31.04 -9.25
CA GLY C 110 13.17 32.24 -9.00
C GLY C 110 12.14 32.06 -7.89
N GLN C 111 11.44 33.14 -7.56
CA GLN C 111 10.39 33.11 -6.55
C GLN C 111 9.27 32.16 -6.99
N GLY C 112 8.95 32.19 -8.27
CA GLY C 112 7.95 31.30 -8.83
C GLY C 112 6.58 31.93 -8.97
N THR C 113 5.85 31.52 -10.00
CA THR C 113 4.48 31.98 -10.21
C THR C 113 3.53 30.80 -10.27
N THR C 114 2.33 30.98 -9.75
CA THR C 114 1.36 29.88 -9.64
C THR C 114 0.35 29.88 -10.77
N LEU C 115 0.18 28.72 -11.39
CA LEU C 115 -0.81 28.54 -12.44
C LEU C 115 -1.88 27.55 -12.01
N THR C 116 -3.14 27.96 -12.08
CA THR C 116 -4.25 27.10 -11.69
C THR C 116 -5.21 26.89 -12.87
N VAL C 117 -5.37 25.63 -13.26
CA VAL C 117 -6.28 25.29 -14.36
C VAL C 117 -7.47 24.48 -13.86
N SER C 118 -8.64 25.09 -13.87
CA SER C 118 -9.87 24.40 -13.48
C SER C 118 -11.09 25.02 -14.15
N SER C 119 -12.15 24.24 -14.27
CA SER C 119 -13.40 24.74 -14.83
C SER C 119 -14.15 25.60 -13.82
N ALA C 120 -13.67 25.57 -12.57
CA ALA C 120 -14.27 26.36 -11.50
C ALA C 120 -14.05 27.86 -11.74
N LYS C 121 -14.90 28.67 -11.11
CA LYS C 121 -14.82 30.11 -11.27
C LYS C 121 -14.59 30.82 -9.94
N THR C 122 -14.02 32.01 -10.01
CA THR C 122 -13.65 32.78 -8.82
C THR C 122 -14.84 33.10 -7.92
N THR C 123 -14.65 32.92 -6.62
CA THR C 123 -15.65 33.29 -5.64
C THR C 123 -15.00 33.89 -4.39
N ALA C 124 -15.58 34.95 -3.86
CA ALA C 124 -15.04 35.62 -2.69
C ALA C 124 -15.20 34.78 -1.44
N PRO C 125 -14.22 34.84 -0.54
CA PRO C 125 -14.23 34.10 0.73
C PRO C 125 -15.17 34.71 1.76
N SER C 126 -15.66 33.88 2.68
CA SER C 126 -16.49 34.36 3.78
C SER C 126 -15.76 34.16 5.10
N VAL C 127 -15.36 35.26 5.74
CA VAL C 127 -14.61 35.18 6.99
C VAL C 127 -15.54 35.19 8.19
N TYR C 128 -15.37 34.19 9.07
CA TYR C 128 -16.18 34.08 10.27
C TYR C 128 -15.31 34.14 11.52
N PRO C 129 -15.83 34.75 12.59
CA PRO C 129 -15.08 34.86 13.84
C PRO C 129 -15.14 33.56 14.63
N LEU C 130 -14.10 33.27 15.41
CA LEU C 130 -14.18 32.15 16.33
C LEU C 130 -14.15 32.67 17.75
N ALA C 131 -15.30 32.62 18.41
CA ALA C 131 -15.44 33.11 19.78
C ALA C 131 -15.66 31.94 20.73
N PRO C 132 -14.81 31.84 21.76
CA PRO C 132 -14.88 30.75 22.73
C PRO C 132 -16.25 30.69 23.41
N VAL C 133 -16.61 29.51 23.92
CA VAL C 133 -17.90 29.31 24.57
C VAL C 133 -18.08 30.27 25.75
N CYS C 134 -19.31 30.74 25.94
CA CYS C 134 -19.62 31.72 26.98
C CYS C 134 -19.25 31.22 28.37
N GLY C 135 -18.69 32.12 29.19
CA GLY C 135 -18.24 31.77 30.51
C GLY C 135 -17.18 30.69 30.45
N ASP C 136 -17.38 29.61 31.20
CA ASP C 136 -16.52 28.43 31.13
C ASP C 136 -15.05 28.74 31.42
N THR C 137 -14.21 28.49 30.42
CA THR C 137 -12.76 28.54 30.57
C THR C 137 -12.20 29.87 31.11
N THR C 138 -11.40 29.75 32.16
CA THR C 138 -10.58 30.86 32.64
C THR C 138 -9.17 30.36 32.89
N GLY C 139 -8.20 30.88 32.14
CA GLY C 139 -6.83 30.42 32.26
C GLY C 139 -5.79 31.45 31.85
N SER C 140 -4.53 31.08 31.97
CA SER C 140 -3.43 31.98 31.63
C SER C 140 -3.42 32.33 30.14
N SER C 141 -3.96 31.42 29.32
CA SER C 141 -4.00 31.63 27.88
C SER C 141 -5.40 31.40 27.32
N VAL C 142 -5.69 32.04 26.20
CA VAL C 142 -6.96 31.86 25.51
C VAL C 142 -6.73 31.82 24.00
N THR C 143 -7.51 30.97 23.31
CA THR C 143 -7.32 30.78 21.88
C THR C 143 -8.50 31.29 21.06
N LEU C 144 -8.22 32.20 20.14
CA LEU C 144 -9.24 32.69 19.21
C LEU C 144 -9.03 32.06 17.84
N GLY C 145 -9.88 32.44 16.88
CA GLY C 145 -9.77 31.89 15.54
C GLY C 145 -10.50 32.69 14.48
N CYS C 146 -10.09 32.50 13.23
CA CYS C 146 -10.73 33.14 12.09
C CYS C 146 -10.95 32.13 10.98
N LEU C 147 -12.20 31.92 10.59
CA LEU C 147 -12.53 30.91 9.59
C LEU C 147 -12.80 31.53 8.22
N VAL C 148 -11.92 31.26 7.27
CA VAL C 148 -12.10 31.70 5.89
C VAL C 148 -12.59 30.53 5.05
N LYS C 149 -13.84 30.60 4.61
CA LYS C 149 -14.49 29.46 3.98
C LYS C 149 -15.10 29.80 2.62
N GLY C 150 -15.06 28.83 1.71
CA GLY C 150 -15.70 28.96 0.41
C GLY C 150 -15.10 30.02 -0.51
N TYR C 151 -13.81 29.93 -0.76
CA TYR C 151 -13.15 30.86 -1.68
C TYR C 151 -12.35 30.12 -2.74
N PHE C 152 -11.97 30.83 -3.79
CA PHE C 152 -11.25 30.23 -4.92
C PHE C 152 -10.89 31.28 -5.96
N PRO C 153 -9.68 31.17 -6.52
CA PRO C 153 -8.65 30.19 -6.15
C PRO C 153 -7.71 30.73 -5.07
N GLU C 154 -6.67 29.96 -4.76
CA GLU C 154 -5.61 30.43 -3.88
C GLU C 154 -4.83 31.54 -4.57
N PRO C 155 -4.01 32.29 -3.80
CA PRO C 155 -3.91 32.23 -2.34
C PRO C 155 -4.79 33.25 -1.63
N VAL C 156 -4.71 33.28 -0.30
CA VAL C 156 -5.32 34.34 0.49
C VAL C 156 -4.34 34.80 1.56
N THR C 157 -4.44 36.06 1.96
CA THR C 157 -3.55 36.63 2.96
C THR C 157 -4.28 36.87 4.27
N LEU C 158 -3.94 36.10 5.29
CA LEU C 158 -4.58 36.24 6.60
C LEU C 158 -3.58 36.68 7.66
N THR C 159 -3.85 37.83 8.27
CA THR C 159 -3.00 38.35 9.34
C THR C 159 -3.84 38.81 10.52
N TRP C 160 -3.20 38.93 11.69
CA TRP C 160 -3.91 39.34 12.89
C TRP C 160 -3.47 40.73 13.34
N ASN C 161 -4.44 41.64 13.42
CA ASN C 161 -4.17 43.03 13.81
C ASN C 161 -3.17 43.69 12.87
N SER C 162 -3.35 43.47 11.58
CA SER C 162 -2.49 44.04 10.55
C SER C 162 -1.05 43.53 10.68
N GLY C 163 -0.91 42.33 11.24
CA GLY C 163 0.40 41.70 11.37
C GLY C 163 1.18 42.17 12.58
N SER C 164 0.47 42.68 13.58
CA SER C 164 1.12 43.16 14.80
C SER C 164 1.68 42.00 15.61
N LEU C 165 0.83 41.01 15.87
CA LEU C 165 1.27 39.84 16.64
C LEU C 165 1.37 38.60 15.75
N SER C 166 2.59 38.17 15.50
CA SER C 166 2.82 36.95 14.73
C SER C 166 3.11 35.76 15.64
N SER C 167 3.16 36.02 16.95
CA SER C 167 3.49 34.99 17.92
C SER C 167 2.24 34.32 18.47
N GLY C 168 2.25 32.99 18.50
CA GLY C 168 1.11 32.22 18.96
C GLY C 168 0.03 32.11 17.90
N VAL C 169 0.43 32.34 16.65
CA VAL C 169 -0.51 32.29 15.54
C VAL C 169 -0.25 31.10 14.62
N HIS C 170 -1.25 30.24 14.49
CA HIS C 170 -1.17 29.11 13.57
C HIS C 170 -2.16 29.28 12.42
N THR C 171 -1.65 29.53 11.23
CA THR C 171 -2.50 29.66 10.05
C THR C 171 -2.43 28.38 9.23
N PHE C 172 -3.52 27.63 9.25
CA PHE C 172 -3.58 26.35 8.55
C PHE C 172 -3.73 26.55 7.05
N PRO C 173 -3.00 25.74 6.26
CA PRO C 173 -3.11 25.81 4.80
C PRO C 173 -4.52 25.45 4.33
N ALA C 174 -4.95 26.02 3.22
CA ALA C 174 -6.28 25.76 2.69
C ALA C 174 -6.39 24.33 2.18
N VAL C 175 -7.59 23.78 2.25
CA VAL C 175 -7.88 22.45 1.73
C VAL C 175 -8.99 22.50 0.71
N LEU C 176 -8.71 22.07 -0.51
CA LEU C 176 -9.69 22.14 -1.59
C LEU C 176 -10.69 20.99 -1.50
N GLN C 177 -11.96 21.34 -1.34
CA GLN C 177 -13.04 20.36 -1.33
C GLN C 177 -14.17 20.81 -2.24
N SER C 178 -14.41 20.04 -3.30
CA SER C 178 -15.42 20.35 -4.30
C SER C 178 -15.28 21.79 -4.82
N ASP C 179 -14.14 22.07 -5.44
CA ASP C 179 -13.89 23.37 -6.09
C ASP C 179 -14.03 24.56 -5.13
N LEU C 180 -13.76 24.35 -3.85
CA LEU C 180 -13.79 25.43 -2.87
C LEU C 180 -12.70 25.27 -1.82
N TYR C 181 -12.03 26.37 -1.49
CA TYR C 181 -10.98 26.36 -0.48
C TYR C 181 -11.51 26.77 0.89
N THR C 182 -11.00 26.11 1.93
CA THR C 182 -11.34 26.46 3.30
C THR C 182 -10.09 26.64 4.14
N LEU C 183 -9.89 27.85 4.66
CA LEU C 183 -8.71 28.16 5.45
C LEU C 183 -9.09 28.76 6.80
N SER C 184 -8.54 28.20 7.87
CA SER C 184 -8.75 28.74 9.20
C SER C 184 -7.46 29.24 9.80
N SER C 185 -7.55 29.84 10.99
CA SER C 185 -6.37 30.31 11.71
C SER C 185 -6.63 30.34 13.21
N SER C 186 -5.59 30.10 14.00
CA SER C 186 -5.71 30.11 15.45
C SER C 186 -4.66 31.03 16.07
N VAL C 187 -5.08 31.80 17.07
CA VAL C 187 -4.16 32.70 17.77
C VAL C 187 -4.36 32.59 19.28
N THR C 188 -3.26 32.37 20.00
CA THR C 188 -3.32 32.23 21.44
C THR C 188 -2.68 33.44 22.13
N VAL C 189 -3.40 34.00 23.10
CA VAL C 189 -2.90 35.16 23.84
C VAL C 189 -3.35 35.10 25.30
N THR C 190 -2.68 35.87 26.14
CA THR C 190 -3.00 35.91 27.57
C THR C 190 -4.38 36.53 27.80
N SER C 191 -5.05 36.08 28.87
CA SER C 191 -6.41 36.52 29.17
C SER C 191 -6.46 37.98 29.62
N SER C 192 -5.30 38.53 29.99
CA SER C 192 -5.22 39.92 30.40
C SER C 192 -5.26 40.84 29.19
N THR C 193 -4.88 40.29 28.03
CA THR C 193 -4.85 41.05 26.79
C THR C 193 -6.24 41.16 26.15
N TRP C 194 -7.03 40.11 26.26
CA TRP C 194 -8.33 40.04 25.59
C TRP C 194 -9.44 39.60 26.54
N PRO C 195 -10.65 40.16 26.37
CA PRO C 195 -10.93 41.22 25.40
C PRO C 195 -10.73 42.63 25.97
N SER C 196 -9.57 42.89 26.54
CA SER C 196 -9.25 44.24 27.03
C SER C 196 -8.61 45.03 25.90
N GLN C 197 -8.29 44.33 24.82
CA GLN C 197 -7.72 44.95 23.63
C GLN C 197 -8.42 44.40 22.39
N SER C 198 -8.28 45.09 21.27
CA SER C 198 -8.97 44.72 20.04
C SER C 198 -8.20 43.66 19.25
N ILE C 199 -8.85 42.53 19.01
CA ILE C 199 -8.26 41.47 18.20
C ILE C 199 -9.06 41.27 16.92
N THR C 200 -8.42 41.53 15.79
CA THR C 200 -9.09 41.46 14.49
C THR C 200 -8.42 40.49 13.53
N CYS C 201 -9.21 39.92 12.63
CA CYS C 201 -8.69 38.98 11.63
C CYS C 201 -8.68 39.61 10.24
N ASN C 202 -7.48 39.84 9.72
CA ASN C 202 -7.33 40.45 8.39
C ASN C 202 -7.18 39.41 7.30
N VAL C 203 -8.17 39.33 6.42
CA VAL C 203 -8.13 38.39 5.31
C VAL C 203 -8.15 39.12 3.97
N ALA C 204 -7.29 38.70 3.06
CA ALA C 204 -7.19 39.34 1.74
C ALA C 204 -7.25 38.31 0.63
N HIS C 205 -8.19 38.49 -0.29
CA HIS C 205 -8.34 37.60 -1.44
C HIS C 205 -8.39 38.41 -2.73
N PRO C 206 -7.21 38.78 -3.26
CA PRO C 206 -7.04 39.66 -4.41
C PRO C 206 -7.80 39.20 -5.65
N ALA C 207 -8.02 37.89 -5.77
CA ALA C 207 -8.71 37.32 -6.93
C ALA C 207 -10.11 37.90 -7.09
N SER C 208 -10.86 37.96 -5.99
CA SER C 208 -12.21 38.48 -6.01
C SER C 208 -12.25 39.96 -5.61
N SER C 209 -11.08 40.53 -5.38
CA SER C 209 -10.98 41.91 -4.89
C SER C 209 -11.62 42.04 -3.52
N THR C 210 -11.37 41.05 -2.67
CA THR C 210 -11.98 41.00 -1.34
C THR C 210 -11.01 41.34 -0.23
N LYS C 211 -11.26 42.46 0.45
CA LYS C 211 -10.46 42.85 1.60
C LYS C 211 -11.36 42.95 2.84
N VAL C 212 -11.17 42.04 3.78
CA VAL C 212 -12.06 41.98 4.94
C VAL C 212 -11.29 41.97 6.27
N ASP C 213 -11.50 43.00 7.07
CA ASP C 213 -10.95 43.08 8.41
C ASP C 213 -12.08 42.99 9.42
N LYS C 214 -12.01 42.01 10.32
CA LYS C 214 -13.10 41.80 11.27
C LYS C 214 -12.62 41.40 12.66
N LYS C 215 -13.13 42.10 13.68
CA LYS C 215 -12.81 41.83 15.08
C LYS C 215 -13.62 40.65 15.61
N ILE C 216 -13.11 40.01 16.66
CA ILE C 216 -13.80 38.89 17.29
C ILE C 216 -14.52 39.33 18.56
N GLU C 217 -15.85 39.33 18.50
CA GLU C 217 -16.68 39.71 19.64
C GLU C 217 -17.19 38.49 20.39
N PRO C 218 -17.03 38.49 21.73
CA PRO C 218 -17.49 37.41 22.62
C PRO C 218 -19.00 37.17 22.55
N ARG C 219 -19.73 38.12 21.96
CA ARG C 219 -21.18 38.01 21.82
C ARG C 219 -21.58 36.72 21.11
#